data_6AEF
#
_entry.id   6AEF
#
_cell.length_a   74.707
_cell.length_b   100.668
_cell.length_c   128.927
_cell.angle_alpha   90.00
_cell.angle_beta   90.00
_cell.angle_gamma   90.00
#
_symmetry.space_group_name_H-M   'P 21 21 21'
#
loop_
_entity.id
_entity.type
_entity.pdbx_description
1 polymer 'Trehalose-2-sulfate acyltransferase PapA2'
2 non-polymer 'ZINC ION'
3 non-polymer 'ACETATE ION'
4 non-polymer 2-AMINO-2-HYDROXYMETHYL-PROPANE-1,3-DIOL
5 water water
#
_entity_poly.entity_id   1
_entity_poly.type   'polypeptide(L)'
_entity_poly.pdbx_seq_one_letter_code
;VFSITTLRDWTPDPGSIICWHASPTAKAKARQAPISEVPPSYQQAQHLRRYRDHVARGLDMSRLMIFTWDLPGRCNIRAM
NYAINAHLRRHDTYHSWFEFDNAEHIVRHTIADPADIEVVQAEHQNMTSAELRHHIATPQPLQWDCFLFGIIQSDDHFTF
YASIAHLCVDPMIVGVLFIEIHMMYSALVGGDPPIELPPAGRYDDHCVRQYADTAALTLDSARVRRWVEFAANNDGTLPH
FPLPLGDLSVPHTGKLLTETLMDEQQGERFEAACVAAGARFSGGVFACAALAERELTNCETFDVVTTTDTRRTPTELRTT
GWFTGLVPITVPVASGLFDSAARVAQISFDSGKDLATVPFDRVLELARPETGLRPPRPGNFVMSFLDASIAPLSTVANSD
LNFRIYDEGRVSHQVSMWVNRYQHQTTVTVLFPDNPIASESVANYIAAMKSIYIRTADGTLATLKPGT
;
_entity_poly.pdbx_strand_id   B,A
#
# COMPACT_ATOMS: atom_id res chain seq x y z
N PHE A 2 -24.86 9.40 16.69
CA PHE A 2 -25.18 9.14 18.09
C PHE A 2 -26.42 8.21 18.22
N SER A 3 -27.61 8.78 18.19
CA SER A 3 -28.82 7.98 18.25
C SER A 3 -28.96 7.15 16.98
N ILE A 4 -29.35 5.88 17.14
CA ILE A 4 -29.55 4.97 16.01
C ILE A 4 -30.92 4.34 16.17
N THR A 5 -31.83 4.62 15.25
CA THR A 5 -33.18 4.08 15.32
C THR A 5 -33.55 3.43 14.00
N THR A 6 -34.52 2.52 14.05
CA THR A 6 -35.02 1.89 12.85
C THR A 6 -35.93 2.85 12.10
N LEU A 7 -35.73 2.92 10.79
CA LEU A 7 -36.43 3.88 9.95
C LEU A 7 -37.94 3.83 10.15
N ARG A 8 -38.51 2.62 10.25
CA ARG A 8 -39.95 2.50 10.37
C ARG A 8 -40.48 3.23 11.61
N ASP A 9 -39.65 3.40 12.64
CA ASP A 9 -40.07 4.08 13.86
C ASP A 9 -39.76 5.56 13.83
N TRP A 10 -39.25 6.09 12.73
CA TRP A 10 -39.02 7.53 12.59
C TRP A 10 -40.35 8.24 12.34
N THR A 11 -40.64 9.26 13.16
CA THR A 11 -41.84 10.08 13.02
C THR A 11 -41.40 11.52 12.81
N PRO A 12 -41.14 11.94 11.58
CA PRO A 12 -40.69 13.31 11.36
C PRO A 12 -41.79 14.29 11.70
N ASP A 13 -41.37 15.51 12.03
CA ASP A 13 -42.33 16.56 12.29
C ASP A 13 -43.06 16.92 11.00
N PRO A 14 -44.37 17.20 11.07
CA PRO A 14 -45.08 17.62 9.85
C PRO A 14 -44.50 18.89 9.26
N GLY A 15 -44.54 18.97 7.95
CA GLY A 15 -43.90 20.09 7.26
C GLY A 15 -43.74 19.78 5.80
N SER A 16 -43.19 20.76 5.09
CA SER A 16 -43.01 20.65 3.65
C SER A 16 -41.73 19.91 3.32
N ILE A 17 -41.86 18.87 2.51
CA ILE A 17 -40.74 18.02 2.12
C ILE A 17 -40.14 18.57 0.82
N ILE A 18 -38.92 19.10 0.89
CA ILE A 18 -38.20 19.62 -0.25
C ILE A 18 -37.01 18.69 -0.52
N CYS A 19 -37.01 18.07 -1.70
CA CYS A 19 -36.13 16.93 -1.95
C CYS A 19 -35.38 17.13 -3.26
N TRP A 20 -34.09 16.79 -3.25
CA TRP A 20 -33.20 16.96 -4.40
C TRP A 20 -33.05 15.65 -5.16
N HIS A 21 -33.45 15.66 -6.42
CA HIS A 21 -33.28 14.51 -7.31
C HIS A 21 -32.36 14.89 -8.46
N ALA A 22 -31.61 13.93 -8.96
CA ALA A 22 -30.78 14.18 -10.13
C ALA A 22 -31.65 14.70 -11.28
N SER A 23 -31.12 15.70 -12.00
CA SER A 23 -31.86 16.27 -13.12
C SER A 23 -31.90 15.29 -14.29
N PRO A 24 -32.89 15.43 -15.18
CA PRO A 24 -32.93 14.56 -16.38
C PRO A 24 -31.67 14.64 -17.23
N THR A 25 -31.12 15.84 -17.42
CA THR A 25 -29.88 15.96 -18.17
C THR A 25 -28.75 15.18 -17.50
N ALA A 26 -28.64 15.31 -16.17
CA ALA A 26 -27.61 14.58 -15.44
C ALA A 26 -27.78 13.08 -15.63
N LYS A 27 -29.02 12.58 -15.61
CA LYS A 27 -29.26 11.16 -15.78
C LYS A 27 -28.87 10.69 -17.17
N ALA A 28 -29.16 11.51 -18.19
CA ALA A 28 -28.76 11.16 -19.56
C ALA A 28 -27.24 11.08 -19.68
N LYS A 29 -26.55 12.12 -19.18
CA LYS A 29 -25.09 12.14 -19.22
C LYS A 29 -24.52 10.93 -18.50
N ALA A 30 -25.06 10.59 -17.34
CA ALA A 30 -24.61 9.39 -16.64
C ALA A 30 -24.81 8.15 -17.50
N ARG A 31 -25.99 7.98 -18.10
CA ARG A 31 -26.23 6.82 -18.94
C ARG A 31 -25.22 6.69 -20.07
N GLN A 32 -24.69 7.80 -20.59
CA GLN A 32 -23.73 7.69 -21.68
C GLN A 32 -22.29 7.81 -21.21
N ALA A 33 -22.03 7.70 -19.91
CA ALA A 33 -20.65 7.75 -19.43
C ALA A 33 -19.86 6.56 -19.95
N PRO A 34 -18.60 6.74 -20.32
CA PRO A 34 -17.83 5.64 -20.90
C PRO A 34 -17.37 4.64 -19.84
N ILE A 35 -16.94 3.49 -20.33
CA ILE A 35 -16.40 2.46 -19.44
C ILE A 35 -15.07 2.93 -18.90
N SER A 36 -14.82 2.67 -17.63
CA SER A 36 -13.55 2.97 -16.99
C SER A 36 -12.79 1.66 -16.74
N GLU A 37 -11.46 1.74 -16.81
CA GLU A 37 -10.62 0.60 -16.47
C GLU A 37 -10.38 0.45 -14.97
N VAL A 38 -10.86 1.40 -14.16
CA VAL A 38 -10.76 1.29 -12.71
C VAL A 38 -11.79 0.29 -12.21
N PRO A 39 -11.40 -0.77 -11.51
CA PRO A 39 -12.37 -1.74 -11.03
C PRO A 39 -13.10 -1.22 -9.81
N PRO A 40 -14.20 -1.84 -9.42
CA PRO A 40 -14.73 -1.60 -8.08
C PRO A 40 -13.76 -2.11 -7.05
N SER A 41 -13.71 -1.44 -5.90
CA SER A 41 -12.96 -2.03 -4.80
C SER A 41 -13.54 -3.39 -4.48
N TYR A 42 -12.77 -4.19 -3.74
CA TYR A 42 -13.29 -5.47 -3.26
C TYR A 42 -14.55 -5.26 -2.44
N GLN A 43 -14.61 -4.19 -1.66
CA GLN A 43 -15.79 -3.90 -0.84
C GLN A 43 -17.01 -3.63 -1.73
N GLN A 44 -16.84 -2.72 -2.70
CA GLN A 44 -17.90 -2.46 -3.67
C GLN A 44 -18.32 -3.74 -4.38
N ALA A 45 -17.35 -4.58 -4.78
CA ALA A 45 -17.70 -5.76 -5.57
C ALA A 45 -18.52 -6.74 -4.76
N GLN A 46 -18.06 -7.07 -3.55
CA GLN A 46 -18.85 -7.95 -2.70
C GLN A 46 -20.25 -7.38 -2.51
N HIS A 47 -20.33 -6.07 -2.25
CA HIS A 47 -21.63 -5.45 -2.01
C HIS A 47 -22.54 -5.59 -3.22
N LEU A 48 -22.02 -5.32 -4.41
CA LEU A 48 -22.83 -5.37 -5.62
C LEU A 48 -23.28 -6.78 -5.92
N ARG A 49 -22.40 -7.77 -5.73
CA ARG A 49 -22.80 -9.15 -5.93
C ARG A 49 -23.93 -9.54 -4.97
N ARG A 50 -23.79 -9.15 -3.69
CA ARG A 50 -24.83 -9.47 -2.72
C ARG A 50 -26.16 -8.81 -3.10
N TYR A 51 -26.07 -7.57 -3.54
CA TYR A 51 -27.28 -6.83 -3.93
C TYR A 51 -27.96 -7.51 -5.16
N ARG A 52 -27.18 -7.84 -6.16
CA ARG A 52 -27.67 -8.61 -7.29
C ARG A 52 -28.38 -9.88 -6.84
N ASP A 53 -27.73 -10.65 -5.96
CA ASP A 53 -28.29 -11.93 -5.55
C ASP A 53 -29.61 -11.75 -4.82
N HIS A 54 -29.68 -10.77 -3.92
CA HIS A 54 -30.93 -10.51 -3.20
C HIS A 54 -32.04 -10.14 -4.15
N VAL A 55 -31.76 -9.25 -5.11
CA VAL A 55 -32.76 -8.91 -6.12
C VAL A 55 -33.24 -10.17 -6.82
N ALA A 56 -32.31 -11.06 -7.15
CA ALA A 56 -32.69 -12.28 -7.87
C ALA A 56 -33.53 -13.21 -7.01
N ARG A 57 -33.39 -13.14 -5.68
CA ARG A 57 -34.17 -13.98 -4.78
C ARG A 57 -35.46 -13.31 -4.31
N GLY A 58 -35.77 -12.12 -4.81
CA GLY A 58 -36.96 -11.38 -4.38
C GLY A 58 -36.83 -10.67 -3.05
N LEU A 59 -35.61 -10.43 -2.58
CA LEU A 59 -35.36 -9.85 -1.26
C LEU A 59 -34.88 -8.41 -1.38
N ASP A 60 -35.19 -7.62 -0.35
CA ASP A 60 -34.88 -6.20 -0.29
C ASP A 60 -33.71 -6.04 0.68
N MET A 61 -32.52 -5.81 0.15
CA MET A 61 -31.30 -5.81 0.94
C MET A 61 -31.00 -4.42 1.48
N SER A 62 -30.45 -4.36 2.69
CA SER A 62 -29.97 -3.10 3.24
C SER A 62 -28.76 -2.64 2.45
N ARG A 63 -28.71 -1.35 2.16
CA ARG A 63 -27.63 -0.84 1.31
C ARG A 63 -27.37 0.65 1.48
N LEU A 64 -27.92 1.25 2.54
CA LEU A 64 -27.91 2.70 2.69
C LEU A 64 -27.28 3.12 4.02
N MET A 65 -26.77 4.34 4.03
CA MET A 65 -26.49 5.11 5.23
C MET A 65 -27.44 6.30 5.23
N ILE A 66 -28.23 6.42 6.29
CA ILE A 66 -29.29 7.42 6.38
C ILE A 66 -29.05 8.26 7.62
N PHE A 67 -28.96 9.56 7.44
CA PHE A 67 -28.70 10.50 8.52
C PHE A 67 -29.74 11.62 8.48
N THR A 68 -30.00 12.21 9.64
CA THR A 68 -30.72 13.47 9.70
C THR A 68 -30.07 14.33 10.77
N TRP A 69 -30.32 15.63 10.69
CA TRP A 69 -30.09 16.47 11.86
C TRP A 69 -31.00 17.69 11.75
N ASP A 70 -31.11 18.41 12.85
CA ASP A 70 -32.13 19.44 13.03
C ASP A 70 -31.48 20.82 13.05
N LEU A 71 -32.13 21.77 12.39
CA LEU A 71 -31.70 23.17 12.33
C LEU A 71 -32.85 24.08 12.74
N PRO A 72 -32.55 25.22 13.35
CA PRO A 72 -33.62 26.18 13.67
C PRO A 72 -34.00 27.04 12.47
N GLY A 73 -35.26 27.46 12.46
CA GLY A 73 -35.71 28.46 11.51
C GLY A 73 -36.01 27.92 10.12
N ARG A 74 -35.81 28.77 9.12
CA ARG A 74 -36.23 28.53 7.75
C ARG A 74 -35.01 28.25 6.87
N CYS A 75 -35.07 27.17 6.10
CA CYS A 75 -33.94 26.79 5.28
C CYS A 75 -33.84 27.69 4.05
N ASN A 76 -32.63 28.17 3.80
CA ASN A 76 -32.29 28.89 2.57
C ASN A 76 -32.07 27.86 1.48
N ILE A 77 -33.08 27.69 0.62
CA ILE A 77 -33.05 26.62 -0.37
C ILE A 77 -31.90 26.81 -1.35
N ARG A 78 -31.67 28.05 -1.78
CA ARG A 78 -30.58 28.32 -2.71
C ARG A 78 -29.24 27.88 -2.15
N ALA A 79 -28.96 28.25 -0.89
CA ALA A 79 -27.70 27.85 -0.26
C ALA A 79 -27.59 26.33 -0.12
N MET A 80 -28.67 25.68 0.32
CA MET A 80 -28.64 24.22 0.47
C MET A 80 -28.41 23.55 -0.87
N ASN A 81 -29.03 24.07 -1.93
CA ASN A 81 -28.82 23.52 -3.26
C ASN A 81 -27.35 23.62 -3.66
N TYR A 82 -26.73 24.79 -3.43
CA TYR A 82 -25.30 24.89 -3.67
C TYR A 82 -24.53 23.84 -2.86
N ALA A 83 -24.82 23.70 -1.58
CA ALA A 83 -24.04 22.80 -0.73
C ALA A 83 -24.13 21.36 -1.22
N ILE A 84 -25.34 20.90 -1.51
CA ILE A 84 -25.51 19.51 -1.96
C ILE A 84 -24.82 19.29 -3.29
N ASN A 85 -25.05 20.19 -4.25
CA ASN A 85 -24.47 19.95 -5.56
C ASN A 85 -22.94 19.98 -5.49
N ALA A 86 -22.37 20.88 -4.68
CA ALA A 86 -20.92 20.93 -4.53
C ALA A 86 -20.39 19.66 -3.88
N HIS A 87 -21.12 19.13 -2.89
CA HIS A 87 -20.72 17.88 -2.27
C HIS A 87 -20.64 16.76 -3.30
N LEU A 88 -21.69 16.62 -4.12
CA LEU A 88 -21.70 15.56 -5.12
C LEU A 88 -20.58 15.74 -6.14
N ARG A 89 -20.30 16.97 -6.55
CA ARG A 89 -19.27 17.21 -7.54
C ARG A 89 -17.87 17.01 -7.00
N ARG A 90 -17.67 17.13 -5.69
CA ARG A 90 -16.33 17.10 -5.12
C ARG A 90 -15.74 15.69 -5.04
N HIS A 91 -16.57 14.66 -4.85
CA HIS A 91 -16.07 13.33 -4.49
C HIS A 91 -16.32 12.34 -5.61
N ASP A 92 -15.25 11.69 -6.10
CA ASP A 92 -15.35 10.85 -7.29
C ASP A 92 -16.20 9.60 -7.07
N THR A 93 -16.54 9.26 -5.84
CA THR A 93 -17.43 8.13 -5.61
C THR A 93 -18.84 8.39 -6.14
N TYR A 94 -19.21 9.65 -6.34
CA TYR A 94 -20.50 9.98 -6.94
C TYR A 94 -20.46 10.08 -8.44
N HIS A 95 -19.29 9.87 -9.05
CA HIS A 95 -19.10 10.09 -10.47
C HIS A 95 -19.10 8.80 -11.28
N SER A 96 -19.19 7.65 -10.63
CA SER A 96 -19.16 6.34 -11.30
C SER A 96 -20.44 5.58 -11.01
N TRP A 97 -20.75 4.62 -11.88
CA TRP A 97 -21.82 3.67 -11.62
C TRP A 97 -21.40 2.32 -12.20
N PHE A 98 -22.05 1.26 -11.74
CA PHE A 98 -21.63 -0.09 -12.06
C PHE A 98 -22.76 -0.88 -12.71
N GLU A 99 -22.37 -1.94 -13.40
CA GLU A 99 -23.36 -2.88 -13.94
C GLU A 99 -22.70 -4.23 -14.18
N PHE A 100 -23.51 -5.29 -14.18
CA PHE A 100 -23.03 -6.62 -14.52
C PHE A 100 -23.25 -6.90 -16.00
N ASP A 101 -22.23 -7.42 -16.67
CA ASP A 101 -22.30 -7.77 -18.09
C ASP A 101 -22.68 -9.24 -18.26
N ASN A 102 -22.61 -9.74 -19.49
CA ASN A 102 -22.73 -11.17 -19.73
C ASN A 102 -21.69 -11.87 -18.87
N ALA A 103 -22.16 -12.75 -17.99
CA ALA A 103 -21.37 -13.37 -16.93
C ALA A 103 -21.58 -12.52 -15.69
N GLU A 104 -20.70 -12.62 -14.70
CA GLU A 104 -20.79 -11.79 -13.50
C GLU A 104 -19.66 -10.78 -13.40
N HIS A 105 -19.22 -10.22 -14.53
CA HIS A 105 -18.14 -9.23 -14.51
C HIS A 105 -18.73 -7.86 -14.27
N ILE A 106 -18.14 -7.13 -13.32
CA ILE A 106 -18.61 -5.79 -12.95
C ILE A 106 -17.88 -4.75 -13.81
N VAL A 107 -18.66 -3.94 -14.52
CA VAL A 107 -18.17 -2.87 -15.37
C VAL A 107 -18.41 -1.56 -14.66
N ARG A 108 -17.39 -0.70 -14.64
CA ARG A 108 -17.47 0.65 -14.11
C ARG A 108 -17.62 1.65 -15.26
N HIS A 109 -18.57 2.56 -15.11
CA HIS A 109 -18.72 3.73 -15.96
C HIS A 109 -18.41 4.96 -15.11
N THR A 110 -17.78 5.97 -15.71
CA THR A 110 -17.37 7.17 -14.98
C THR A 110 -17.73 8.39 -15.81
N ILE A 111 -18.49 9.30 -15.19
CA ILE A 111 -18.85 10.55 -15.84
C ILE A 111 -17.59 11.39 -16.02
N ALA A 112 -17.34 11.81 -17.26
CA ALA A 112 -16.08 12.48 -17.57
C ALA A 112 -15.99 13.86 -16.93
N ASP A 113 -17.08 14.62 -16.93
CA ASP A 113 -17.07 15.99 -16.42
C ASP A 113 -18.00 16.13 -15.21
N PRO A 114 -17.47 16.23 -13.99
CA PRO A 114 -18.35 16.33 -12.81
C PRO A 114 -19.32 17.48 -12.86
N ALA A 115 -19.05 18.52 -13.64
CA ALA A 115 -20.00 19.62 -13.73
C ALA A 115 -21.33 19.17 -14.31
N ASP A 116 -21.36 18.06 -15.07
CA ASP A 116 -22.62 17.54 -15.58
C ASP A 116 -23.52 16.98 -14.48
N ILE A 117 -22.97 16.70 -13.31
CA ILE A 117 -23.77 16.20 -12.19
C ILE A 117 -24.57 17.36 -11.59
N GLU A 118 -25.87 17.15 -11.44
CA GLU A 118 -26.72 18.18 -10.88
C GLU A 118 -27.95 17.53 -10.26
N VAL A 119 -28.27 17.93 -9.04
CA VAL A 119 -29.54 17.59 -8.43
C VAL A 119 -30.35 18.88 -8.30
N VAL A 120 -31.66 18.73 -8.37
CA VAL A 120 -32.59 19.84 -8.40
C VAL A 120 -33.67 19.53 -7.39
N GLN A 121 -34.09 20.55 -6.64
CA GLN A 121 -35.06 20.33 -5.58
C GLN A 121 -36.46 20.49 -6.11
N ALA A 122 -37.38 19.73 -5.53
CA ALA A 122 -38.80 19.84 -5.78
C ALA A 122 -39.52 19.48 -4.50
N GLU A 123 -40.67 20.11 -4.30
CA GLU A 123 -41.50 19.77 -3.15
C GLU A 123 -42.32 18.53 -3.45
N HIS A 124 -42.29 17.56 -2.53
CA HIS A 124 -43.19 16.41 -2.55
C HIS A 124 -44.47 16.88 -1.86
N GLN A 125 -45.38 17.42 -2.68
CA GLN A 125 -46.44 18.29 -2.17
C GLN A 125 -47.25 17.67 -1.05
N ASN A 126 -47.86 16.51 -1.28
CA ASN A 126 -48.71 15.88 -0.28
C ASN A 126 -48.13 14.55 0.18
N MET A 127 -46.82 14.48 0.30
CA MET A 127 -46.17 13.27 0.78
C MET A 127 -46.38 13.14 2.30
N THR A 128 -46.90 11.99 2.70
CA THR A 128 -47.10 11.66 4.10
C THR A 128 -45.80 11.18 4.73
N SER A 129 -45.84 10.93 6.04
CA SER A 129 -44.68 10.42 6.75
C SER A 129 -44.33 9.01 6.28
N ALA A 130 -45.33 8.14 6.15
CA ALA A 130 -45.06 6.77 5.69
C ALA A 130 -44.48 6.77 4.29
N GLU A 131 -45.04 7.60 3.40
CA GLU A 131 -44.50 7.70 2.05
C GLU A 131 -43.08 8.22 2.06
N LEU A 132 -42.75 9.13 2.98
CA LEU A 132 -41.38 9.65 3.05
C LEU A 132 -40.42 8.57 3.57
N ARG A 133 -40.86 7.79 4.56
CA ARG A 133 -40.05 6.67 5.03
C ARG A 133 -39.74 5.72 3.89
N HIS A 134 -40.75 5.38 3.09
CA HIS A 134 -40.50 4.54 1.92
C HIS A 134 -39.54 5.22 0.94
N HIS A 135 -39.80 6.49 0.65
CA HIS A 135 -39.05 7.21 -0.39
C HIS A 135 -37.57 7.29 -0.05
N ILE A 136 -37.24 7.59 1.21
CA ILE A 136 -35.86 7.80 1.58
C ILE A 136 -35.05 6.51 1.49
N ALA A 137 -35.72 5.36 1.52
CA ALA A 137 -35.05 4.07 1.45
C ALA A 137 -34.93 3.51 0.03
N THR A 138 -35.29 4.29 -0.99
CA THR A 138 -35.38 3.74 -2.35
C THR A 138 -34.03 3.61 -3.06
N PRO A 139 -33.06 4.49 -2.82
CA PRO A 139 -31.80 4.39 -3.58
C PRO A 139 -31.20 3.00 -3.47
N GLN A 140 -30.60 2.55 -4.57
CA GLN A 140 -30.00 1.23 -4.63
C GLN A 140 -28.73 1.26 -5.47
N PRO A 141 -27.83 0.28 -5.30
CA PRO A 141 -26.47 0.39 -5.84
C PRO A 141 -26.34 0.27 -7.36
N LEU A 142 -27.37 -0.16 -8.07
CA LEU A 142 -27.26 -0.34 -9.52
C LEU A 142 -27.91 0.79 -10.30
N GLN A 143 -28.13 1.92 -9.66
CA GLN A 143 -28.43 3.17 -10.34
C GLN A 143 -27.32 4.15 -10.06
N TRP A 144 -27.05 5.05 -11.00
CA TRP A 144 -26.01 6.03 -10.75
C TRP A 144 -26.40 6.97 -9.62
N ASP A 145 -27.61 7.53 -9.67
CA ASP A 145 -28.06 8.50 -8.67
C ASP A 145 -28.60 7.78 -7.43
N CYS A 146 -27.69 7.06 -6.76
CA CYS A 146 -28.05 6.23 -5.62
C CYS A 146 -27.92 7.04 -4.31
N PHE A 147 -28.62 8.16 -4.29
CA PHE A 147 -28.57 9.08 -3.17
C PHE A 147 -29.79 9.99 -3.21
N LEU A 148 -30.20 10.45 -2.04
CA LEU A 148 -31.25 11.46 -1.89
C LEU A 148 -30.82 12.42 -0.79
N PHE A 149 -31.16 13.69 -0.97
CA PHE A 149 -30.91 14.71 0.04
C PHE A 149 -32.14 15.59 0.12
N GLY A 150 -32.52 15.99 1.33
CA GLY A 150 -33.65 16.88 1.39
C GLY A 150 -33.80 17.51 2.75
N ILE A 151 -34.89 18.21 2.87
CA ILE A 151 -35.31 18.83 4.09
C ILE A 151 -36.82 18.74 4.38
N ILE A 152 -37.13 18.70 5.64
CA ILE A 152 -38.51 18.80 6.09
C ILE A 152 -38.63 20.14 6.79
N GLN A 153 -39.33 21.08 6.16
CA GLN A 153 -39.45 22.44 6.69
C GLN A 153 -40.71 22.53 7.56
N SER A 154 -40.51 22.71 8.86
CA SER A 154 -41.61 23.03 9.76
C SER A 154 -41.73 24.55 9.88
N ASP A 155 -42.66 24.99 10.72
CA ASP A 155 -42.90 26.41 10.92
C ASP A 155 -41.60 27.14 11.27
N ASP A 156 -40.93 26.69 12.34
CA ASP A 156 -39.81 27.41 12.93
C ASP A 156 -38.53 26.59 13.00
N HIS A 157 -38.49 25.42 12.37
CA HIS A 157 -37.29 24.61 12.31
C HIS A 157 -37.40 23.71 11.10
N PHE A 158 -36.27 23.14 10.68
CA PHE A 158 -36.28 22.16 9.61
C PHE A 158 -35.31 21.04 9.93
N THR A 159 -35.52 19.94 9.29
CA THR A 159 -34.70 18.76 9.40
C THR A 159 -34.04 18.43 8.07
N PHE A 160 -32.78 18.15 8.13
CA PHE A 160 -32.03 17.78 6.97
C PHE A 160 -31.84 16.29 6.92
N TYR A 161 -32.08 15.65 5.79
CA TYR A 161 -31.87 14.22 5.68
C TYR A 161 -30.99 13.91 4.49
N ALA A 162 -30.19 12.85 4.66
CA ALA A 162 -29.29 12.36 3.65
C ALA A 162 -29.40 10.85 3.60
N SER A 163 -29.57 10.30 2.41
CA SER A 163 -29.65 8.86 2.20
C SER A 163 -28.67 8.51 1.08
N ILE A 164 -27.61 7.79 1.42
CA ILE A 164 -26.52 7.55 0.47
C ILE A 164 -26.23 6.06 0.44
N ALA A 165 -26.17 5.49 -0.78
CA ALA A 165 -25.79 4.10 -0.94
C ALA A 165 -24.44 3.82 -0.27
N HIS A 166 -24.41 2.74 0.52
CA HIS A 166 -23.14 2.33 1.12
C HIS A 166 -22.06 2.15 0.06
N LEU A 167 -22.44 1.80 -1.15
CA LEU A 167 -21.51 1.72 -2.27
C LEU A 167 -20.54 2.89 -2.33
N CYS A 168 -21.00 4.09 -1.98
CA CYS A 168 -20.22 5.30 -2.19
C CYS A 168 -19.50 5.82 -0.95
N VAL A 169 -19.81 5.30 0.24
CA VAL A 169 -19.31 5.91 1.47
C VAL A 169 -19.01 4.88 2.54
N ASP A 170 -18.51 5.35 3.68
CA ASP A 170 -18.38 4.58 4.90
C ASP A 170 -18.57 5.54 6.07
N PRO A 171 -18.35 5.14 7.32
CA PRO A 171 -18.68 6.06 8.43
C PRO A 171 -18.01 7.43 8.35
N MET A 172 -16.92 7.55 7.66
CA MET A 172 -16.25 8.84 7.55
C MET A 172 -17.21 9.89 6.94
N ILE A 173 -18.21 9.46 6.19
CA ILE A 173 -19.12 10.39 5.54
C ILE A 173 -19.74 11.33 6.56
N VAL A 174 -19.93 10.85 7.79
CA VAL A 174 -20.54 11.69 8.82
C VAL A 174 -19.76 12.99 8.94
N GLY A 175 -18.47 12.87 9.24
CA GLY A 175 -17.65 14.07 9.39
C GLY A 175 -17.71 14.92 8.13
N VAL A 176 -17.64 14.28 6.98
CA VAL A 176 -17.59 15.02 5.73
C VAL A 176 -18.87 15.82 5.56
N LEU A 177 -20.01 15.17 5.82
CA LEU A 177 -21.28 15.87 5.65
C LEU A 177 -21.34 17.06 6.60
N PHE A 178 -20.86 16.87 7.83
CA PHE A 178 -20.91 17.97 8.79
C PHE A 178 -20.20 19.18 8.23
N ILE A 179 -19.08 18.97 7.54
CA ILE A 179 -18.36 20.11 7.00
C ILE A 179 -19.05 20.59 5.73
N GLU A 180 -19.43 19.68 4.85
CA GLU A 180 -19.74 20.10 3.49
C GLU A 180 -21.21 20.43 3.31
N ILE A 181 -22.07 20.03 4.26
CA ILE A 181 -23.45 20.48 4.25
C ILE A 181 -23.60 21.58 5.29
N HIS A 182 -23.42 21.20 6.54
CA HIS A 182 -23.68 22.10 7.66
C HIS A 182 -22.76 23.35 7.75
N MET A 183 -21.47 23.15 7.72
CA MET A 183 -20.58 24.30 7.79
C MET A 183 -20.64 25.13 6.50
N MET A 184 -20.75 24.47 5.35
CA MET A 184 -20.89 25.18 4.08
C MET A 184 -22.18 26.02 4.05
N TYR A 185 -23.30 25.40 4.45
CA TYR A 185 -24.56 26.13 4.49
C TYR A 185 -24.49 27.32 5.43
N SER A 186 -23.93 27.10 6.63
CA SER A 186 -23.82 28.17 7.60
C SER A 186 -22.97 29.31 7.07
N ALA A 187 -21.93 28.98 6.32
CA ALA A 187 -21.11 30.03 5.71
C ALA A 187 -21.94 30.83 4.71
N LEU A 188 -22.67 30.14 3.84
CA LEU A 188 -23.37 30.86 2.78
C LEU A 188 -24.47 31.74 3.34
N VAL A 189 -25.27 31.23 4.28
CA VAL A 189 -26.33 32.06 4.85
C VAL A 189 -25.75 33.14 5.76
N GLY A 190 -24.54 32.92 6.29
CA GLY A 190 -23.85 33.95 7.04
C GLY A 190 -23.30 35.07 6.18
N GLY A 191 -23.40 34.95 4.86
CA GLY A 191 -22.90 35.96 3.95
C GLY A 191 -21.49 35.74 3.47
N ASP A 192 -20.91 34.58 3.71
CA ASP A 192 -19.55 34.31 3.28
C ASP A 192 -19.53 33.61 1.93
N PRO A 193 -18.39 33.59 1.26
CA PRO A 193 -18.24 32.72 0.09
C PRO A 193 -18.14 31.26 0.52
N PRO A 194 -18.29 30.32 -0.41
CA PRO A 194 -18.14 28.91 -0.04
C PRO A 194 -16.84 28.67 0.70
N ILE A 195 -16.90 27.82 1.74
CA ILE A 195 -15.70 27.54 2.51
C ILE A 195 -14.67 26.89 1.58
N GLU A 196 -13.41 27.27 1.76
CA GLU A 196 -12.34 26.67 0.97
C GLU A 196 -11.95 25.33 1.57
N LEU A 197 -11.94 24.30 0.74
CA LEU A 197 -11.61 22.96 1.20
C LEU A 197 -10.32 22.48 0.55
N PRO A 198 -9.56 21.64 1.23
CA PRO A 198 -8.41 20.99 0.58
C PRO A 198 -8.87 20.06 -0.51
N PRO A 199 -8.00 19.74 -1.47
CA PRO A 199 -8.40 18.82 -2.54
C PRO A 199 -8.87 17.49 -1.99
N ALA A 200 -9.98 16.99 -2.55
CA ALA A 200 -10.50 15.71 -2.13
C ALA A 200 -9.63 14.59 -2.67
N GLY A 201 -9.46 13.53 -1.87
CA GLY A 201 -8.84 12.34 -2.38
C GLY A 201 -9.75 11.60 -3.34
N ARG A 202 -9.13 10.77 -4.17
CA ARG A 202 -9.81 10.02 -5.22
C ARG A 202 -9.90 8.55 -4.83
N TYR A 203 -11.12 8.05 -4.75
CA TYR A 203 -11.34 6.65 -4.41
C TYR A 203 -10.94 5.72 -5.54
N ASP A 204 -11.02 6.19 -6.80
CA ASP A 204 -10.48 5.42 -7.92
C ASP A 204 -9.05 4.96 -7.65
N ASP A 205 -8.21 5.89 -7.18
CA ASP A 205 -6.80 5.58 -6.92
C ASP A 205 -6.69 4.45 -5.90
N HIS A 206 -7.52 4.48 -4.87
CA HIS A 206 -7.53 3.41 -3.89
C HIS A 206 -7.91 2.09 -4.53
N CYS A 207 -8.92 2.09 -5.42
CA CYS A 207 -9.29 0.84 -6.10
C CYS A 207 -8.13 0.26 -6.89
N VAL A 208 -7.43 1.12 -7.64
CA VAL A 208 -6.27 0.66 -8.42
C VAL A 208 -5.19 0.10 -7.50
N ARG A 209 -4.84 0.83 -6.45
CA ARG A 209 -3.79 0.36 -5.54
C ARG A 209 -4.20 -0.96 -4.89
N GLN A 210 -5.45 -1.06 -4.46
CA GLN A 210 -5.91 -2.27 -3.81
C GLN A 210 -5.78 -3.47 -4.73
N TYR A 211 -6.15 -3.31 -6.00
CA TYR A 211 -6.03 -4.45 -6.90
C TYR A 211 -4.56 -4.79 -7.14
N ALA A 212 -3.71 -3.78 -7.31
CA ALA A 212 -2.28 -4.05 -7.47
C ALA A 212 -1.70 -4.79 -6.27
N ASP A 213 -2.08 -4.39 -5.07
CA ASP A 213 -1.56 -5.03 -3.86
C ASP A 213 -2.09 -6.46 -3.71
N THR A 214 -3.39 -6.66 -3.93
CA THR A 214 -3.95 -8.00 -3.81
C THR A 214 -3.42 -8.94 -4.89
N ALA A 215 -3.08 -8.41 -6.07
CA ALA A 215 -2.53 -9.25 -7.12
C ALA A 215 -1.13 -9.73 -6.77
N ALA A 216 -0.42 -8.99 -5.91
CA ALA A 216 0.90 -9.39 -5.44
C ALA A 216 0.84 -10.54 -4.44
N LEU A 217 -0.33 -10.91 -3.97
CA LEU A 217 -0.50 -11.98 -2.99
C LEU A 217 -0.67 -13.32 -3.69
N THR A 218 -0.13 -14.37 -3.08
CA THR A 218 -0.37 -15.75 -3.46
C THR A 218 -0.93 -16.52 -2.27
N LEU A 219 -1.40 -17.75 -2.52
CA LEU A 219 -1.96 -18.54 -1.44
C LEU A 219 -0.96 -18.79 -0.33
N ASP A 220 0.34 -18.70 -0.63
CA ASP A 220 1.39 -18.97 0.34
C ASP A 220 1.92 -17.72 1.03
N SER A 221 1.48 -16.54 0.62
CA SER A 221 1.86 -15.30 1.31
C SER A 221 1.43 -15.38 2.77
N ALA A 222 2.25 -14.80 3.66
CA ALA A 222 2.02 -14.93 5.10
C ALA A 222 0.66 -14.38 5.50
N ARG A 223 0.28 -13.21 4.99
CA ARG A 223 -0.99 -12.62 5.40
C ARG A 223 -2.16 -13.49 4.94
N VAL A 224 -2.05 -14.04 3.73
CA VAL A 224 -3.07 -14.96 3.24
C VAL A 224 -3.11 -16.22 4.11
N ARG A 225 -1.95 -16.78 4.44
CA ARG A 225 -1.95 -17.96 5.31
C ARG A 225 -2.58 -17.67 6.65
N ARG A 226 -2.39 -16.47 7.17
CA ARG A 226 -2.99 -16.12 8.45
C ARG A 226 -4.52 -16.10 8.33
N TRP A 227 -5.05 -15.44 7.31
CA TRP A 227 -6.49 -15.52 7.09
C TRP A 227 -6.95 -16.98 6.95
N VAL A 228 -6.20 -17.80 6.21
CA VAL A 228 -6.59 -19.20 6.02
C VAL A 228 -6.69 -19.92 7.36
N GLU A 229 -5.69 -19.74 8.22
CA GLU A 229 -5.70 -20.42 9.51
C GLU A 229 -6.86 -19.94 10.38
N PHE A 230 -7.15 -18.64 10.34
CA PHE A 230 -8.29 -18.12 11.10
C PHE A 230 -9.58 -18.78 10.64
N ALA A 231 -9.79 -18.81 9.32
CA ALA A 231 -11.00 -19.38 8.77
C ALA A 231 -11.09 -20.88 9.08
N ALA A 232 -9.97 -21.59 9.03
CA ALA A 232 -9.97 -23.01 9.36
C ALA A 232 -10.34 -23.23 10.82
N ASN A 233 -9.88 -22.35 11.71
CA ASN A 233 -10.32 -22.42 13.10
C ASN A 233 -11.77 -21.99 13.26
N ASN A 234 -12.41 -21.45 12.21
CA ASN A 234 -13.85 -21.26 12.26
C ASN A 234 -14.58 -22.03 11.16
N ASP A 235 -14.23 -23.29 10.97
CA ASP A 235 -14.96 -24.21 10.10
C ASP A 235 -14.96 -23.74 8.64
N GLY A 236 -13.85 -23.13 8.22
CA GLY A 236 -13.67 -22.78 6.83
C GLY A 236 -14.25 -21.45 6.40
N THR A 237 -14.71 -20.63 7.34
CA THR A 237 -15.31 -19.34 7.00
C THR A 237 -15.07 -18.37 8.14
N LEU A 238 -15.70 -17.21 8.07
CA LEU A 238 -15.60 -16.22 9.13
C LEU A 238 -16.50 -16.59 10.31
N PRO A 239 -16.16 -16.11 11.52
CA PRO A 239 -16.84 -16.60 12.72
C PRO A 239 -18.36 -16.35 12.69
N HIS A 240 -19.09 -17.33 13.19
CA HIS A 240 -20.53 -17.28 13.36
C HIS A 240 -20.84 -16.73 14.75
N PHE A 241 -21.98 -16.08 14.87
CA PHE A 241 -22.41 -15.66 16.21
C PHE A 241 -22.50 -16.89 17.11
N PRO A 242 -21.98 -16.84 18.33
CA PRO A 242 -21.86 -18.08 19.12
C PRO A 242 -23.14 -18.53 19.81
N LEU A 243 -24.26 -17.85 19.64
CA LEU A 243 -25.52 -18.23 20.26
C LEU A 243 -26.58 -18.45 19.20
N PRO A 244 -27.62 -19.23 19.50
CA PRO A 244 -28.64 -19.51 18.48
C PRO A 244 -29.34 -18.23 18.04
N LEU A 245 -29.64 -18.16 16.75
CA LEU A 245 -30.29 -16.99 16.17
C LEU A 245 -31.61 -17.33 15.49
N GLY A 246 -32.17 -18.49 15.77
CA GLY A 246 -33.36 -18.93 15.10
C GLY A 246 -33.08 -19.40 13.68
N ASP A 247 -34.16 -19.58 12.93
CA ASP A 247 -34.08 -20.10 11.57
C ASP A 247 -33.84 -18.96 10.59
N LEU A 248 -32.61 -18.83 10.11
CA LEU A 248 -32.27 -17.76 9.18
C LEU A 248 -32.58 -18.09 7.73
N SER A 249 -33.19 -19.24 7.45
CA SER A 249 -33.62 -19.52 6.10
C SER A 249 -34.91 -18.78 5.74
N VAL A 250 -35.53 -18.11 6.71
CA VAL A 250 -36.72 -17.28 6.46
C VAL A 250 -36.28 -15.84 6.65
N PRO A 251 -36.69 -14.91 5.79
CA PRO A 251 -36.12 -13.54 5.81
C PRO A 251 -36.74 -12.59 6.82
N HIS A 252 -36.23 -12.65 8.02
CA HIS A 252 -36.67 -11.69 9.00
C HIS A 252 -36.00 -10.35 8.73
N THR A 253 -36.63 -9.26 9.08
CA THR A 253 -35.97 -7.97 8.97
C THR A 253 -35.03 -7.78 10.16
N GLY A 254 -34.12 -6.82 10.02
CA GLY A 254 -33.17 -6.56 11.07
C GLY A 254 -33.80 -5.71 12.17
N LYS A 255 -33.44 -6.03 13.40
CA LYS A 255 -33.93 -5.32 14.57
C LYS A 255 -32.74 -4.74 15.31
N LEU A 256 -32.97 -3.64 16.01
CA LEU A 256 -31.93 -2.94 16.73
C LEU A 256 -32.11 -3.14 18.23
N LEU A 257 -30.99 -3.27 18.92
CA LEU A 257 -30.95 -3.24 20.37
C LEU A 257 -29.80 -2.30 20.76
N THR A 258 -30.12 -1.29 21.55
CA THR A 258 -29.14 -0.31 21.99
C THR A 258 -29.11 -0.32 23.51
N GLU A 259 -27.92 -0.12 24.06
CA GLU A 259 -27.75 -0.14 25.50
C GLU A 259 -26.57 0.74 25.85
N THR A 260 -26.68 1.39 27.01
CA THR A 260 -25.54 2.13 27.53
C THR A 260 -24.71 1.17 28.37
N LEU A 261 -23.41 1.12 28.07
CA LEU A 261 -22.51 0.25 28.80
C LEU A 261 -21.90 0.97 29.99
N MET A 262 -21.48 2.22 29.80
CA MET A 262 -20.77 2.92 30.87
C MET A 262 -21.10 4.40 30.80
N ASP A 263 -21.11 5.04 31.96
CA ASP A 263 -21.15 6.48 32.04
C ASP A 263 -19.72 7.01 31.96
N GLU A 264 -19.55 8.32 32.05
CA GLU A 264 -18.24 8.91 31.83
C GLU A 264 -17.23 8.42 32.86
N GLN A 265 -17.60 8.43 34.15
CA GLN A 265 -16.68 8.01 35.20
C GLN A 265 -16.28 6.56 35.03
N GLN A 266 -17.27 5.69 34.80
CA GLN A 266 -16.99 4.29 34.53
C GLN A 266 -16.08 4.12 33.33
N GLY A 267 -16.19 5.01 32.34
CA GLY A 267 -15.34 4.92 31.17
C GLY A 267 -13.90 5.26 31.50
N GLU A 268 -13.69 6.35 32.25
CA GLU A 268 -12.35 6.69 32.70
C GLU A 268 -11.72 5.53 33.48
N ARG A 269 -12.48 4.96 34.42
CA ARG A 269 -11.94 3.86 35.21
C ARG A 269 -11.67 2.64 34.34
N PHE A 270 -12.55 2.37 33.38
CA PHE A 270 -12.34 1.24 32.48
C PHE A 270 -11.04 1.41 31.70
N GLU A 271 -10.85 2.58 31.08
CA GLU A 271 -9.61 2.82 30.35
C GLU A 271 -8.41 2.67 31.27
N ALA A 272 -8.49 3.18 32.50
CA ALA A 272 -7.40 2.99 33.44
C ALA A 272 -7.12 1.51 33.67
N ALA A 273 -8.17 0.70 33.79
CA ALA A 273 -7.98 -0.74 33.93
C ALA A 273 -7.25 -1.34 32.73
N CYS A 274 -7.64 -0.93 31.52
CA CYS A 274 -6.93 -1.39 30.33
C CYS A 274 -5.44 -1.04 30.41
N VAL A 275 -5.14 0.23 30.71
CA VAL A 275 -3.76 0.69 30.78
C VAL A 275 -2.98 -0.13 31.79
N ALA A 276 -3.56 -0.39 32.96
CA ALA A 276 -2.86 -1.17 33.97
C ALA A 276 -2.58 -2.59 33.48
N ALA A 277 -3.47 -3.15 32.66
CA ALA A 277 -3.27 -4.47 32.11
C ALA A 277 -2.30 -4.50 30.94
N GLY A 278 -1.77 -3.36 30.52
CA GLY A 278 -0.91 -3.31 29.36
C GLY A 278 -1.65 -3.27 28.04
N ALA A 279 -2.87 -2.74 28.04
CA ALA A 279 -3.70 -2.65 26.85
C ALA A 279 -4.29 -1.25 26.77
N ARG A 280 -5.15 -1.05 25.79
CA ARG A 280 -5.87 0.20 25.61
C ARG A 280 -7.37 -0.09 25.58
N PHE A 281 -8.16 0.98 25.45
CA PHE A 281 -9.61 0.87 25.48
C PHE A 281 -10.10 -0.22 24.52
N SER A 282 -9.62 -0.18 23.28
CA SER A 282 -10.09 -1.14 22.27
C SER A 282 -9.83 -2.58 22.71
N GLY A 283 -8.62 -2.85 23.19
CA GLY A 283 -8.34 -4.17 23.72
C GLY A 283 -9.35 -4.59 24.77
N GLY A 284 -9.71 -3.67 25.66
CA GLY A 284 -10.71 -3.98 26.67
C GLY A 284 -12.06 -4.30 26.03
N VAL A 285 -12.40 -3.60 24.95
CA VAL A 285 -13.68 -3.83 24.29
C VAL A 285 -13.77 -5.26 23.78
N PHE A 286 -12.75 -5.71 23.04
CA PHE A 286 -12.78 -7.08 22.56
C PHE A 286 -12.66 -8.08 23.70
N ALA A 287 -11.91 -7.75 24.75
CA ALA A 287 -11.85 -8.62 25.93
C ALA A 287 -13.25 -8.80 26.54
N CYS A 288 -14.04 -7.74 26.59
CA CYS A 288 -15.38 -7.84 27.16
C CYS A 288 -16.30 -8.66 26.28
N ALA A 289 -16.18 -8.51 24.95
CA ALA A 289 -16.94 -9.38 24.05
C ALA A 289 -16.59 -10.84 24.29
N ALA A 290 -15.30 -11.14 24.40
CA ALA A 290 -14.85 -12.52 24.58
C ALA A 290 -15.31 -13.10 25.92
N LEU A 291 -15.09 -12.36 27.00
CA LEU A 291 -15.49 -12.84 28.31
C LEU A 291 -16.99 -13.02 28.39
N ALA A 292 -17.76 -12.18 27.69
CA ALA A 292 -19.20 -12.39 27.61
C ALA A 292 -19.52 -13.75 26.98
N GLU A 293 -18.87 -14.06 25.84
CA GLU A 293 -19.09 -15.38 25.26
C GLU A 293 -18.70 -16.48 26.24
N ARG A 294 -17.61 -16.28 26.97
CA ARG A 294 -17.17 -17.28 27.95
C ARG A 294 -18.25 -17.52 28.99
N GLU A 295 -18.83 -16.45 29.52
CA GLU A 295 -19.86 -16.59 30.53
C GLU A 295 -21.06 -17.37 30.00
N LEU A 296 -21.46 -17.12 28.75
CA LEU A 296 -22.69 -17.76 28.27
C LEU A 296 -22.47 -19.15 27.68
N THR A 297 -21.27 -19.48 27.20
CA THR A 297 -21.01 -20.74 26.51
C THR A 297 -19.90 -21.55 27.15
N ASN A 298 -19.10 -20.96 28.03
CA ASN A 298 -17.93 -21.62 28.63
C ASN A 298 -16.87 -21.94 27.59
N CYS A 299 -16.74 -21.09 26.57
CA CYS A 299 -15.74 -21.31 25.55
C CYS A 299 -14.34 -20.94 26.07
N GLU A 300 -13.33 -21.54 25.44
CA GLU A 300 -11.95 -21.27 25.81
C GLU A 300 -11.35 -20.13 25.01
N THR A 301 -11.80 -19.93 23.77
CA THR A 301 -11.26 -18.90 22.91
C THR A 301 -12.41 -18.23 22.15
N PHE A 302 -12.23 -16.95 21.88
CA PHE A 302 -13.22 -16.11 21.21
C PHE A 302 -12.69 -15.71 19.84
N ASP A 303 -13.51 -15.88 18.80
CA ASP A 303 -13.16 -15.46 17.45
C ASP A 303 -14.24 -14.53 16.92
N VAL A 304 -13.83 -13.41 16.32
CA VAL A 304 -14.76 -12.50 15.66
C VAL A 304 -13.97 -11.71 14.63
N VAL A 305 -14.63 -11.02 13.71
CA VAL A 305 -13.97 -10.04 12.85
C VAL A 305 -14.45 -8.66 13.26
N THR A 306 -13.56 -7.68 13.22
CA THR A 306 -13.92 -6.31 13.53
C THR A 306 -13.57 -5.39 12.36
N THR A 307 -14.40 -4.37 12.17
CA THR A 307 -14.20 -3.44 11.07
C THR A 307 -13.16 -2.40 11.45
N THR A 308 -12.38 -1.99 10.46
CA THR A 308 -11.39 -0.94 10.69
C THR A 308 -11.26 -0.11 9.43
N ASP A 309 -10.89 1.14 9.63
CA ASP A 309 -10.70 2.11 8.56
C ASP A 309 -9.30 1.95 7.99
N THR A 310 -9.19 1.50 6.75
CA THR A 310 -7.88 1.25 6.15
C THR A 310 -7.24 2.50 5.54
N ARG A 311 -7.86 3.68 5.67
CA ARG A 311 -7.18 4.91 5.27
C ARG A 311 -5.90 5.06 6.07
N ARG A 312 -4.83 5.51 5.41
CA ARG A 312 -3.57 5.71 6.11
C ARG A 312 -2.86 7.00 5.74
N THR A 313 -2.77 7.30 4.44
CA THR A 313 -2.09 8.51 4.00
C THR A 313 -2.99 9.74 4.17
N PRO A 314 -2.39 10.93 4.21
CA PRO A 314 -3.20 12.16 4.25
C PRO A 314 -4.24 12.22 3.16
N THR A 315 -3.87 11.78 1.96
CA THR A 315 -4.78 11.80 0.82
C THR A 315 -5.96 10.86 1.02
N GLU A 316 -5.70 9.66 1.53
CA GLU A 316 -6.78 8.74 1.82
C GLU A 316 -7.70 9.29 2.90
N LEU A 317 -7.13 9.98 3.90
CA LEU A 317 -7.91 10.56 4.97
C LEU A 317 -8.87 11.63 4.46
N ARG A 318 -8.57 12.23 3.31
CA ARG A 318 -9.45 13.17 2.63
C ARG A 318 -10.29 12.52 1.54
N THR A 319 -10.40 11.19 1.54
CA THR A 319 -11.11 10.47 0.49
C THR A 319 -12.42 9.93 1.04
N THR A 320 -13.52 10.27 0.38
CA THR A 320 -14.81 9.68 0.68
C THR A 320 -14.93 8.36 -0.05
N GLY A 321 -15.40 7.32 0.64
CA GLY A 321 -15.59 6.02 0.04
C GLY A 321 -15.53 4.90 1.05
N TRP A 322 -15.63 3.69 0.51
CA TRP A 322 -15.74 2.48 1.32
C TRP A 322 -14.34 1.92 1.52
N PHE A 323 -13.72 2.31 2.64
CA PHE A 323 -12.39 1.86 3.00
C PHE A 323 -12.38 0.79 4.08
N THR A 324 -13.55 0.37 4.56
CA THR A 324 -13.62 -0.59 5.65
C THR A 324 -12.96 -1.90 5.27
N GLY A 325 -12.03 -2.35 6.13
CA GLY A 325 -11.47 -3.67 6.04
C GLY A 325 -11.79 -4.44 7.31
N LEU A 326 -11.42 -5.72 7.33
CA LEU A 326 -11.74 -6.60 8.44
C LEU A 326 -10.47 -7.11 9.10
N VAL A 327 -10.46 -7.09 10.42
CA VAL A 327 -9.37 -7.61 11.23
C VAL A 327 -9.87 -8.89 11.90
N PRO A 328 -9.14 -10.02 11.80
CA PRO A 328 -9.53 -11.25 12.50
C PRO A 328 -9.07 -11.24 13.94
N ILE A 329 -10.02 -11.15 14.86
CA ILE A 329 -9.74 -11.09 16.29
C ILE A 329 -9.85 -12.49 16.88
N THR A 330 -8.82 -12.89 17.62
CA THR A 330 -8.82 -14.11 18.43
C THR A 330 -8.40 -13.73 19.84
N VAL A 331 -9.21 -14.12 20.83
CA VAL A 331 -8.91 -13.82 22.22
C VAL A 331 -9.02 -15.11 23.03
N PRO A 332 -7.92 -15.67 23.49
CA PRO A 332 -7.95 -16.83 24.39
C PRO A 332 -8.45 -16.37 25.77
N VAL A 333 -9.38 -17.08 26.35
CA VAL A 333 -10.02 -16.68 27.59
C VAL A 333 -10.06 -17.86 28.53
N ALA A 334 -8.97 -18.63 28.58
CA ALA A 334 -8.92 -19.75 29.51
C ALA A 334 -8.98 -19.25 30.95
N SER A 335 -8.25 -18.18 31.24
CA SER A 335 -8.17 -17.70 32.62
C SER A 335 -9.49 -17.09 33.08
N GLY A 336 -10.19 -16.39 32.19
CA GLY A 336 -11.40 -15.69 32.56
C GLY A 336 -11.16 -14.33 33.19
N LEU A 337 -9.91 -13.92 33.37
CA LEU A 337 -9.58 -12.62 33.92
C LEU A 337 -9.55 -11.56 32.83
N PHE A 338 -9.89 -10.33 33.23
CA PHE A 338 -9.89 -9.22 32.28
C PHE A 338 -8.47 -8.84 31.85
N ASP A 339 -7.50 -8.92 32.75
CA ASP A 339 -6.16 -8.44 32.44
C ASP A 339 -5.56 -9.19 31.27
N SER A 340 -5.51 -10.52 31.35
CA SER A 340 -4.90 -11.30 30.28
C SER A 340 -5.71 -11.20 28.99
N ALA A 341 -7.03 -11.24 29.09
CA ALA A 341 -7.86 -11.09 27.90
C ALA A 341 -7.59 -9.76 27.20
N ALA A 342 -7.51 -8.66 27.96
CA ALA A 342 -7.29 -7.36 27.33
C ALA A 342 -5.90 -7.27 26.71
N ARG A 343 -4.90 -7.83 27.39
CA ARG A 343 -3.55 -7.84 26.85
C ARG A 343 -3.52 -8.56 25.50
N VAL A 344 -3.96 -9.82 25.48
CA VAL A 344 -3.89 -10.60 24.26
C VAL A 344 -4.81 -10.02 23.19
N ALA A 345 -6.00 -9.56 23.57
CA ALA A 345 -6.90 -8.95 22.60
C ALA A 345 -6.25 -7.72 21.96
N GLN A 346 -5.56 -6.92 22.77
CA GLN A 346 -4.87 -5.76 22.22
C GLN A 346 -3.83 -6.19 21.19
N ILE A 347 -3.08 -7.25 21.50
CA ILE A 347 -2.09 -7.74 20.54
C ILE A 347 -2.78 -8.20 19.26
N SER A 348 -3.90 -8.89 19.37
CA SER A 348 -4.60 -9.40 18.19
C SER A 348 -5.12 -8.25 17.30
N PHE A 349 -5.71 -7.24 17.92
CA PHE A 349 -6.20 -6.08 17.18
C PHE A 349 -5.05 -5.35 16.47
N ASP A 350 -4.02 -4.99 17.25
CA ASP A 350 -2.91 -4.21 16.71
C ASP A 350 -2.18 -4.97 15.61
N SER A 351 -1.77 -6.20 15.89
CA SER A 351 -1.05 -6.98 14.88
C SER A 351 -1.93 -7.31 13.69
N GLY A 352 -3.24 -7.34 13.90
CA GLY A 352 -4.16 -7.61 12.82
C GLY A 352 -4.46 -6.45 11.90
N LYS A 353 -4.10 -5.22 12.29
CA LYS A 353 -4.28 -4.10 11.37
C LYS A 353 -3.66 -4.37 10.00
N ASP A 354 -2.48 -4.99 9.96
CA ASP A 354 -1.82 -5.26 8.67
C ASP A 354 -2.62 -6.22 7.81
N LEU A 355 -3.55 -6.98 8.40
CA LEU A 355 -4.36 -7.92 7.66
C LEU A 355 -5.64 -7.30 7.11
N ALA A 356 -6.02 -6.11 7.60
CA ALA A 356 -7.27 -5.49 7.23
C ALA A 356 -7.30 -5.05 5.77
N THR A 357 -6.14 -4.86 5.16
CA THR A 357 -6.02 -4.49 3.76
C THR A 357 -6.04 -5.70 2.83
N VAL A 358 -6.11 -6.91 3.36
CA VAL A 358 -6.27 -8.13 2.57
C VAL A 358 -7.75 -8.50 2.59
N PRO A 359 -8.50 -8.28 1.52
CA PRO A 359 -9.91 -8.70 1.52
C PRO A 359 -9.99 -10.22 1.57
N PHE A 360 -10.94 -10.72 2.37
CA PHE A 360 -11.10 -12.17 2.48
C PHE A 360 -11.58 -12.78 1.17
N ASP A 361 -12.26 -12.01 0.32
CA ASP A 361 -12.62 -12.49 -1.01
C ASP A 361 -11.37 -12.87 -1.80
N ARG A 362 -10.29 -12.10 -1.65
CA ARG A 362 -9.04 -12.46 -2.33
C ARG A 362 -8.50 -13.78 -1.82
N VAL A 363 -8.57 -13.99 -0.51
CA VAL A 363 -8.14 -15.27 0.05
C VAL A 363 -8.96 -16.40 -0.57
N LEU A 364 -10.27 -16.21 -0.69
CA LEU A 364 -11.10 -17.24 -1.30
C LEU A 364 -10.71 -17.48 -2.76
N GLU A 365 -10.34 -16.41 -3.48
CA GLU A 365 -9.84 -16.58 -4.84
C GLU A 365 -8.60 -17.47 -4.87
N LEU A 366 -7.63 -17.17 -3.99
CA LEU A 366 -6.36 -17.89 -4.02
C LEU A 366 -6.52 -19.31 -3.50
N ALA A 367 -7.50 -19.56 -2.64
CA ALA A 367 -7.67 -20.87 -2.03
C ALA A 367 -8.09 -21.91 -3.06
N ARG A 368 -7.62 -23.12 -2.86
CA ARG A 368 -7.97 -24.27 -3.68
C ARG A 368 -8.91 -25.20 -2.90
N PRO A 369 -9.52 -26.18 -3.58
CA PRO A 369 -10.39 -27.14 -2.87
C PRO A 369 -9.75 -27.76 -1.64
N GLU A 370 -8.44 -28.00 -1.67
CA GLU A 370 -7.76 -28.59 -0.52
C GLU A 370 -7.66 -27.63 0.65
N THR A 371 -7.75 -26.36 0.37
CA THR A 371 -7.65 -25.33 1.41
C THR A 371 -8.89 -25.47 2.38
N GLY A 372 -10.01 -25.88 1.84
CA GLY A 372 -11.19 -26.16 2.65
C GLY A 372 -11.92 -24.92 3.13
N LEU A 373 -11.97 -23.87 2.34
CA LEU A 373 -12.63 -22.63 2.72
C LEU A 373 -13.93 -22.47 1.96
N ARG A 374 -14.75 -21.55 2.43
CA ARG A 374 -16.05 -21.27 1.83
C ARG A 374 -16.55 -19.94 2.35
N PRO A 375 -17.45 -19.29 1.65
CA PRO A 375 -18.00 -18.02 2.12
C PRO A 375 -18.97 -18.25 3.28
N PRO A 376 -19.12 -17.33 4.20
CA PRO A 376 -19.97 -17.57 5.36
C PRO A 376 -21.41 -17.73 5.07
N ARG A 377 -22.07 -18.49 5.91
CA ARG A 377 -23.52 -18.58 5.83
C ARG A 377 -24.13 -17.48 6.70
N PRO A 378 -25.45 -17.31 6.64
CA PRO A 378 -26.10 -16.32 7.51
C PRO A 378 -25.73 -16.59 8.97
N GLY A 379 -25.74 -15.53 9.76
CA GLY A 379 -25.45 -15.63 11.17
C GLY A 379 -24.02 -15.28 11.53
N ASN A 380 -23.22 -14.80 10.58
CA ASN A 380 -21.87 -14.38 10.89
C ASN A 380 -21.92 -13.24 11.91
N PHE A 381 -20.77 -12.96 12.51
CA PHE A 381 -20.66 -12.02 13.63
C PHE A 381 -19.57 -11.01 13.30
N VAL A 382 -19.95 -9.73 13.23
CA VAL A 382 -19.02 -8.64 12.91
C VAL A 382 -19.14 -7.57 13.99
N MET A 383 -18.01 -7.18 14.55
CA MET A 383 -17.95 -6.10 15.53
C MET A 383 -17.39 -4.83 14.92
N SER A 384 -17.49 -3.75 15.69
CA SER A 384 -16.85 -2.49 15.37
C SER A 384 -16.65 -1.74 16.67
N PHE A 385 -15.46 -1.18 16.87
CA PHE A 385 -15.23 -0.19 17.90
C PHE A 385 -14.96 1.16 17.27
N LEU A 386 -15.72 2.15 17.69
CA LEU A 386 -15.59 3.52 17.19
C LEU A 386 -15.36 4.43 18.39
N ASP A 387 -14.26 5.19 18.35
CA ASP A 387 -13.97 6.17 19.38
C ASP A 387 -14.51 7.51 18.91
N ALA A 388 -15.73 7.82 19.30
CA ALA A 388 -16.38 9.07 18.95
C ALA A 388 -16.10 10.17 19.97
N SER A 389 -15.15 9.96 20.88
CA SER A 389 -14.81 10.96 21.87
C SER A 389 -13.69 11.90 21.43
N ILE A 390 -12.89 11.50 20.44
CA ILE A 390 -11.76 12.32 19.99
C ILE A 390 -11.81 12.50 18.48
N ALA A 391 -12.38 11.53 17.81
CA ALA A 391 -12.39 11.61 16.33
C ALA A 391 -13.28 12.78 15.90
N PRO A 392 -13.22 13.13 14.62
CA PRO A 392 -13.98 14.25 14.08
C PRO A 392 -15.41 13.95 14.44
N LEU A 393 -15.67 12.69 14.78
CA LEU A 393 -17.03 12.36 15.18
C LEU A 393 -17.38 13.17 16.43
N SER A 394 -16.38 13.33 17.28
CA SER A 394 -16.53 14.18 18.46
C SER A 394 -17.20 15.48 18.11
N THR A 395 -16.65 16.20 17.11
CA THR A 395 -17.22 17.49 16.72
C THR A 395 -18.69 17.33 16.38
N VAL A 396 -19.05 16.24 15.69
CA VAL A 396 -20.47 15.98 15.44
C VAL A 396 -21.15 15.56 16.74
N ALA A 397 -20.55 14.61 17.46
CA ALA A 397 -21.20 14.07 18.65
C ALA A 397 -21.39 15.14 19.72
N ASN A 398 -20.39 16.02 19.88
CA ASN A 398 -20.44 17.07 20.88
C ASN A 398 -21.04 18.36 20.34
N SER A 399 -21.82 18.28 19.26
CA SER A 399 -22.45 19.44 18.65
C SER A 399 -23.90 19.56 19.10
N ASP A 400 -24.42 20.76 19.02
CA ASP A 400 -25.78 20.99 19.46
C ASP A 400 -26.77 20.38 18.47
N LEU A 401 -26.30 20.03 17.31
CA LEU A 401 -27.20 19.45 16.31
C LEU A 401 -27.55 18.03 16.72
N ASN A 402 -28.82 17.68 16.57
CA ASN A 402 -29.35 16.41 17.05
C ASN A 402 -29.15 15.36 15.94
N PHE A 403 -27.88 15.02 15.72
CA PHE A 403 -27.50 14.15 14.62
C PHE A 403 -27.95 12.72 14.87
N ARG A 404 -28.66 12.14 13.89
CA ARG A 404 -29.29 10.82 14.07
C ARG A 404 -28.98 9.93 12.89
N ILE A 405 -28.89 8.63 13.17
CA ILE A 405 -28.64 7.58 12.20
C ILE A 405 -29.84 6.65 12.20
N TYR A 406 -30.22 6.19 11.00
CA TYR A 406 -31.40 5.35 10.82
C TYR A 406 -31.00 4.08 10.09
N ASP A 407 -31.34 2.94 10.65
CA ASP A 407 -31.21 1.68 9.95
C ASP A 407 -32.49 1.44 9.14
N GLU A 408 -32.32 0.98 7.90
CA GLU A 408 -33.49 0.83 7.03
C GLU A 408 -34.37 -0.34 7.43
N GLY A 409 -33.95 -1.15 8.39
CA GLY A 409 -34.78 -2.25 8.86
C GLY A 409 -35.12 -3.25 7.79
N ARG A 410 -34.15 -3.62 6.96
CA ARG A 410 -34.37 -4.60 5.91
C ARG A 410 -33.81 -5.95 6.35
N VAL A 411 -33.94 -6.95 5.46
CA VAL A 411 -33.62 -8.33 5.83
C VAL A 411 -32.22 -8.37 6.43
N SER A 412 -32.06 -9.19 7.47
CA SER A 412 -30.83 -9.32 8.22
C SER A 412 -30.37 -10.78 8.22
N HIS A 413 -29.11 -11.00 7.86
CA HIS A 413 -28.52 -12.33 7.87
C HIS A 413 -27.42 -12.49 8.92
N GLN A 414 -27.17 -11.48 9.75
CA GLN A 414 -25.99 -11.52 10.60
C GLN A 414 -26.22 -10.64 11.82
N VAL A 415 -25.26 -10.72 12.74
CA VAL A 415 -25.21 -9.88 13.92
C VAL A 415 -24.08 -8.86 13.71
N SER A 416 -24.44 -7.59 13.71
CA SER A 416 -23.46 -6.50 13.70
C SER A 416 -23.52 -5.80 15.04
N MET A 417 -22.37 -5.65 15.69
CA MET A 417 -22.29 -5.04 17.01
C MET A 417 -21.33 -3.86 16.94
N TRP A 418 -21.85 -2.67 17.20
CA TRP A 418 -21.07 -1.45 17.25
C TRP A 418 -20.94 -1.01 18.70
N VAL A 419 -19.73 -0.98 19.22
CA VAL A 419 -19.44 -0.37 20.51
C VAL A 419 -18.89 1.03 20.24
N ASN A 420 -19.54 2.04 20.81
CA ASN A 420 -19.23 3.43 20.54
C ASN A 420 -18.87 4.12 21.85
N ARG A 421 -17.66 4.65 21.91
CA ARG A 421 -17.25 5.48 23.02
C ARG A 421 -17.50 6.95 22.66
N TYR A 422 -18.23 7.63 23.53
CA TYR A 422 -18.48 9.05 23.42
C TYR A 422 -17.83 9.76 24.60
N GLN A 423 -17.95 11.05 24.60
CA GLN A 423 -17.34 11.87 25.64
C GLN A 423 -17.92 11.52 27.03
N HIS A 424 -19.19 11.24 27.08
CA HIS A 424 -19.89 11.08 28.34
C HIS A 424 -20.48 9.69 28.56
N GLN A 425 -20.42 8.81 27.57
CA GLN A 425 -20.90 7.45 27.78
C GLN A 425 -20.27 6.52 26.75
N THR A 426 -20.42 5.23 27.00
CA THR A 426 -20.06 4.19 26.05
C THR A 426 -21.30 3.32 25.86
N THR A 427 -21.73 3.20 24.62
CA THR A 427 -22.96 2.49 24.29
C THR A 427 -22.65 1.34 23.33
N VAL A 428 -23.60 0.42 23.21
CA VAL A 428 -23.51 -0.68 22.27
C VAL A 428 -24.81 -0.75 21.50
N THR A 429 -24.70 -0.99 20.22
CA THR A 429 -25.86 -1.16 19.35
C THR A 429 -25.66 -2.44 18.57
N VAL A 430 -26.72 -3.24 18.46
CA VAL A 430 -26.65 -4.51 17.75
C VAL A 430 -27.79 -4.57 16.75
N LEU A 431 -27.46 -4.89 15.51
CA LEU A 431 -28.43 -5.17 14.46
C LEU A 431 -28.41 -6.67 14.23
N PHE A 432 -29.57 -7.30 14.17
CA PHE A 432 -29.64 -8.75 14.13
C PHE A 432 -31.01 -9.16 13.61
N PRO A 433 -31.19 -10.44 13.25
CA PRO A 433 -32.50 -10.90 12.75
C PRO A 433 -33.59 -10.81 13.79
N ASP A 434 -34.77 -10.38 13.35
CA ASP A 434 -35.91 -10.16 14.24
C ASP A 434 -36.67 -11.47 14.37
N ASN A 435 -36.27 -12.29 15.34
CA ASN A 435 -37.08 -13.42 15.78
C ASN A 435 -36.80 -13.64 17.26
N PRO A 436 -37.73 -14.30 17.98
CA PRO A 436 -37.58 -14.37 19.45
C PRO A 436 -36.30 -15.03 19.92
N ILE A 437 -35.82 -16.06 19.22
CA ILE A 437 -34.59 -16.75 19.62
C ILE A 437 -33.41 -15.81 19.52
N ALA A 438 -33.22 -15.18 18.35
CA ALA A 438 -32.13 -14.24 18.20
C ALA A 438 -32.25 -13.10 19.20
N SER A 439 -33.47 -12.62 19.44
CA SER A 439 -33.67 -11.52 20.39
C SER A 439 -33.22 -11.92 21.79
N GLU A 440 -33.55 -13.15 22.21
CA GLU A 440 -33.14 -13.63 23.52
C GLU A 440 -31.61 -13.75 23.59
N SER A 441 -31.01 -14.42 22.61
CA SER A 441 -29.55 -14.59 22.62
C SER A 441 -28.84 -13.24 22.66
N VAL A 442 -29.19 -12.33 21.77
CA VAL A 442 -28.54 -11.02 21.73
C VAL A 442 -28.72 -10.28 23.05
N ALA A 443 -29.96 -10.26 23.57
CA ALA A 443 -30.22 -9.61 24.85
C ALA A 443 -29.31 -10.17 25.95
N ASN A 444 -29.21 -11.50 26.04
CA ASN A 444 -28.37 -12.11 27.06
C ASN A 444 -26.90 -11.75 26.87
N TYR A 445 -26.43 -11.80 25.62
CA TYR A 445 -25.04 -11.46 25.34
C TYR A 445 -24.71 -10.03 25.76
N ILE A 446 -25.60 -9.08 25.43
CA ILE A 446 -25.38 -7.69 25.82
C ILE A 446 -25.42 -7.54 27.33
N ALA A 447 -26.39 -8.17 28.01
CA ALA A 447 -26.46 -8.03 29.46
C ALA A 447 -25.17 -8.50 30.11
N ALA A 448 -24.70 -9.70 29.74
CA ALA A 448 -23.45 -10.22 30.29
C ALA A 448 -22.29 -9.27 29.99
N MET A 449 -22.19 -8.81 28.74
CA MET A 449 -21.09 -7.94 28.36
C MET A 449 -21.09 -6.66 29.20
N LYS A 450 -22.25 -6.03 29.34
CA LYS A 450 -22.34 -4.84 30.17
C LYS A 450 -21.87 -5.14 31.58
N SER A 451 -22.36 -6.23 32.18
CA SER A 451 -21.95 -6.57 33.54
C SER A 451 -20.42 -6.69 33.63
N ILE A 452 -19.79 -7.20 32.58
CA ILE A 452 -18.33 -7.30 32.62
C ILE A 452 -17.69 -5.92 32.53
N TYR A 453 -18.21 -5.05 31.65
CA TYR A 453 -17.72 -3.68 31.62
C TYR A 453 -17.76 -3.04 33.00
N ILE A 454 -18.92 -3.09 33.66
CA ILE A 454 -19.07 -2.41 34.95
C ILE A 454 -18.20 -3.07 36.01
N ARG A 455 -18.17 -4.40 36.04
CA ARG A 455 -17.30 -5.12 36.97
C ARG A 455 -15.85 -4.65 36.82
N THR A 456 -15.36 -4.58 35.59
CA THR A 456 -13.99 -4.15 35.36
C THR A 456 -13.78 -2.72 35.82
N ALA A 457 -14.71 -1.83 35.48
CA ALA A 457 -14.58 -0.43 35.86
C ALA A 457 -14.54 -0.26 37.38
N ASP A 458 -15.30 -1.08 38.10
CA ASP A 458 -15.46 -0.93 39.55
C ASP A 458 -14.74 -2.07 40.27
N GLY A 459 -13.42 -2.07 40.17
CA GLY A 459 -12.59 -3.10 40.78
C GLY A 459 -11.84 -2.60 41.99
N PHE B 2 24.72 -4.12 -20.29
CA PHE B 2 25.03 -5.50 -20.64
C PHE B 2 26.35 -5.92 -20.00
N SER B 3 27.41 -5.09 -20.49
CA SER B 3 28.74 -5.19 -19.89
C SER B 3 28.77 -4.45 -18.56
N ILE B 4 29.43 -5.06 -17.58
CA ILE B 4 29.62 -4.48 -16.26
C ILE B 4 31.11 -4.48 -15.98
N THR B 5 31.70 -3.29 -15.87
CA THR B 5 33.14 -3.14 -15.72
C THR B 5 33.45 -2.33 -14.49
N THR B 6 34.63 -2.55 -13.92
CA THR B 6 35.07 -1.72 -12.81
C THR B 6 35.61 -0.41 -13.37
N LEU B 7 35.19 0.70 -12.76
CA LEU B 7 35.53 2.02 -13.27
C LEU B 7 37.03 2.16 -13.50
N ARG B 8 37.85 1.61 -12.59
CA ARG B 8 39.29 1.75 -12.73
C ARG B 8 39.79 1.23 -14.07
N ASP B 9 39.10 0.23 -14.63
CA ASP B 9 39.51 -0.42 -15.87
C ASP B 9 38.87 0.19 -17.10
N TRP B 10 38.05 1.22 -16.93
CA TRP B 10 37.44 1.91 -18.06
C TRP B 10 38.46 2.80 -18.74
N THR B 11 38.58 2.65 -20.06
CA THR B 11 39.51 3.44 -20.86
C THR B 11 38.71 4.20 -21.91
N PRO B 12 38.22 5.40 -21.59
CA PRO B 12 37.40 6.13 -22.54
C PRO B 12 38.18 6.50 -23.79
N ASP B 13 37.47 6.64 -24.89
CA ASP B 13 38.11 7.07 -26.12
C ASP B 13 38.57 8.52 -25.97
N PRO B 14 39.74 8.87 -26.50
CA PRO B 14 40.17 10.27 -26.45
C PRO B 14 39.17 11.18 -27.15
N GLY B 15 39.02 12.38 -26.61
CA GLY B 15 38.01 13.30 -27.07
C GLY B 15 37.80 14.41 -26.05
N SER B 16 36.92 15.34 -26.42
CA SER B 16 36.64 16.50 -25.59
C SER B 16 35.60 16.12 -24.54
N ILE B 17 35.91 16.38 -23.28
CA ILE B 17 35.00 16.07 -22.17
C ILE B 17 34.13 17.29 -21.91
N ILE B 18 32.83 17.18 -22.23
CA ILE B 18 31.85 18.24 -22.01
C ILE B 18 30.92 17.77 -20.91
N CYS B 19 30.89 18.50 -19.80
CA CYS B 19 30.29 18.00 -18.56
C CYS B 19 29.34 19.03 -17.97
N TRP B 20 28.20 18.56 -17.49
CA TRP B 20 27.15 19.42 -16.95
C TRP B 20 27.21 19.45 -15.43
N HIS B 21 27.43 20.64 -14.88
CA HIS B 21 27.43 20.88 -13.44
C HIS B 21 26.32 21.85 -13.07
N ALA B 22 25.73 21.64 -11.91
CA ALA B 22 24.76 22.61 -11.40
C ALA B 22 25.40 23.99 -11.36
N SER B 23 24.63 25.00 -11.73
CA SER B 23 25.16 26.35 -11.76
C SER B 23 25.37 26.87 -10.35
N PRO B 24 26.24 27.86 -10.19
CA PRO B 24 26.39 28.48 -8.85
C PRO B 24 25.07 28.99 -8.28
N THR B 25 24.22 29.59 -9.12
CA THR B 25 22.92 30.05 -8.67
C THR B 25 22.07 28.88 -8.17
N ALA B 26 21.98 27.81 -8.96
CA ALA B 26 21.18 26.68 -8.54
C ALA B 26 21.68 26.09 -7.24
N LYS B 27 23.01 26.03 -7.06
CA LYS B 27 23.57 25.47 -5.84
C LYS B 27 23.26 26.33 -4.62
N ALA B 28 23.35 27.66 -4.76
CA ALA B 28 23.01 28.53 -3.64
C ALA B 28 21.53 28.43 -3.28
N LYS B 29 20.67 28.53 -4.31
CA LYS B 29 19.24 28.42 -4.08
C LYS B 29 18.91 27.10 -3.40
N ALA B 30 19.50 26.01 -3.87
CA ALA B 30 19.30 24.73 -3.20
C ALA B 30 19.72 24.82 -1.74
N ARG B 31 20.87 25.45 -1.47
CA ARG B 31 21.37 25.57 -0.11
C ARG B 31 20.34 26.20 0.82
N GLN B 32 19.52 27.12 0.30
CA GLN B 32 18.52 27.76 1.15
C GLN B 32 17.12 27.18 1.00
N ALA B 33 16.99 25.97 0.45
CA ALA B 33 15.68 25.34 0.32
C ALA B 33 15.10 25.03 1.70
N PRO B 34 13.78 25.18 1.86
CA PRO B 34 13.18 24.99 3.18
C PRO B 34 13.01 23.51 3.54
N ILE B 35 12.76 23.27 4.83
CA ILE B 35 12.55 21.93 5.34
C ILE B 35 11.21 21.39 4.85
N SER B 36 11.19 20.11 4.49
CA SER B 36 9.98 19.40 4.12
C SER B 36 9.62 18.40 5.22
N GLU B 37 8.33 18.16 5.37
CA GLU B 37 7.84 17.15 6.29
C GLU B 37 7.88 15.75 5.70
N VAL B 38 8.22 15.61 4.43
CA VAL B 38 8.35 14.30 3.79
C VAL B 38 9.65 13.66 4.28
N PRO B 39 9.60 12.48 4.89
CA PRO B 39 10.83 11.86 5.36
C PRO B 39 11.61 11.22 4.22
N PRO B 40 12.88 10.90 4.44
CA PRO B 40 13.57 10.01 3.50
C PRO B 40 12.90 8.64 3.52
N SER B 41 12.90 7.96 2.38
CA SER B 41 12.43 6.58 2.38
C SER B 41 13.30 5.76 3.33
N TYR B 42 12.80 4.57 3.68
CA TYR B 42 13.64 3.66 4.47
C TYR B 42 14.92 3.33 3.72
N GLN B 43 14.83 3.18 2.39
CA GLN B 43 16.02 2.90 1.60
C GLN B 43 16.99 4.08 1.65
N GLN B 44 16.49 5.29 1.37
CA GLN B 44 17.32 6.48 1.47
C GLN B 44 17.93 6.62 2.85
N ALA B 45 17.13 6.40 3.90
CA ALA B 45 17.60 6.60 5.26
C ALA B 45 18.72 5.62 5.59
N GLN B 46 18.51 4.33 5.31
CA GLN B 46 19.55 3.34 5.53
C GLN B 46 20.82 3.72 4.78
N HIS B 47 20.67 4.11 3.52
CA HIS B 47 21.84 4.48 2.74
C HIS B 47 22.57 5.66 3.37
N LEU B 48 21.83 6.68 3.81
CA LEU B 48 22.44 7.89 4.34
C LEU B 48 23.16 7.62 5.66
N ARG B 49 22.56 6.80 6.53
CA ARG B 49 23.23 6.42 7.76
C ARG B 49 24.51 5.66 7.46
N ARG B 50 24.48 4.73 6.49
CA ARG B 50 25.69 4.00 6.15
C ARG B 50 26.77 4.94 5.61
N TYR B 51 26.39 5.89 4.76
CA TYR B 51 27.39 6.80 4.20
C TYR B 51 28.01 7.67 5.28
N ARG B 52 27.17 8.28 6.13
CA ARG B 52 27.70 9.04 7.26
C ARG B 52 28.67 8.20 8.07
N ASP B 53 28.28 6.96 8.39
CA ASP B 53 29.11 6.13 9.26
C ASP B 53 30.45 5.82 8.60
N HIS B 54 30.44 5.50 7.30
CA HIS B 54 31.68 5.22 6.58
C HIS B 54 32.59 6.44 6.57
N VAL B 55 32.04 7.60 6.23
CA VAL B 55 32.85 8.81 6.25
C VAL B 55 33.47 9.02 7.63
N ALA B 56 32.70 8.79 8.70
CA ALA B 56 33.24 9.01 10.05
C ALA B 56 34.33 8.00 10.37
N ARG B 57 34.31 6.83 9.73
CA ARG B 57 35.34 5.82 9.93
C ARG B 57 36.47 5.93 8.91
N GLY B 58 36.44 6.94 8.04
CA GLY B 58 37.49 7.10 7.06
C GLY B 58 37.40 6.18 5.86
N LEU B 59 36.23 5.62 5.58
CA LEU B 59 36.03 4.67 4.50
C LEU B 59 35.27 5.32 3.35
N ASP B 60 35.55 4.86 2.13
CA ASP B 60 34.96 5.42 0.91
C ASP B 60 33.92 4.42 0.39
N MET B 61 32.64 4.75 0.56
CA MET B 61 31.55 3.83 0.26
C MET B 61 31.03 4.02 -1.15
N SER B 62 30.59 2.91 -1.76
CA SER B 62 29.89 2.97 -3.04
C SER B 62 28.53 3.60 -2.86
N ARG B 63 28.14 4.45 -3.83
CA ARG B 63 26.86 5.15 -3.69
C ARG B 63 26.27 5.58 -5.02
N LEU B 64 26.76 5.06 -6.15
CA LEU B 64 26.43 5.58 -7.46
C LEU B 64 25.94 4.48 -8.38
N MET B 65 25.14 4.88 -9.35
CA MET B 65 24.89 4.11 -10.55
C MET B 65 25.55 4.87 -11.69
N ILE B 66 26.45 4.20 -12.40
CA ILE B 66 27.25 4.83 -13.45
C ILE B 66 27.00 4.06 -14.74
N PHE B 67 26.57 4.79 -15.78
CA PHE B 67 26.23 4.22 -17.08
C PHE B 67 26.89 5.02 -18.18
N THR B 68 27.13 4.35 -19.32
CA THR B 68 27.45 5.05 -20.55
C THR B 68 26.75 4.37 -21.72
N TRP B 69 26.62 5.12 -22.82
CA TRP B 69 26.32 4.50 -24.10
C TRP B 69 26.90 5.35 -25.21
N ASP B 70 26.97 4.78 -26.40
CA ASP B 70 27.71 5.33 -27.52
C ASP B 70 26.76 5.81 -28.60
N LEU B 71 27.05 6.98 -29.16
CA LEU B 71 26.28 7.61 -30.21
C LEU B 71 27.17 7.98 -31.39
N PRO B 72 26.64 7.88 -32.61
CA PRO B 72 27.42 8.28 -33.78
C PRO B 72 27.41 9.79 -33.98
N GLY B 73 28.52 10.29 -34.54
CA GLY B 73 28.58 11.66 -34.99
C GLY B 73 28.88 12.66 -33.88
N ARG B 74 28.33 13.86 -34.04
CA ARG B 74 28.62 15.02 -33.21
C ARG B 74 27.42 15.36 -32.34
N CYS B 75 27.66 15.54 -31.04
CA CYS B 75 26.56 15.80 -30.11
C CYS B 75 26.04 17.22 -30.29
N ASN B 76 24.72 17.34 -30.41
CA ASN B 76 24.04 18.64 -30.40
C ASN B 76 23.97 19.09 -28.94
N ILE B 77 24.86 20.00 -28.56
CA ILE B 77 25.01 20.40 -27.16
C ILE B 77 23.72 21.05 -26.66
N ARG B 78 23.09 21.87 -27.50
CA ARG B 78 21.84 22.50 -27.10
C ARG B 78 20.77 21.47 -26.76
N ALA B 79 20.58 20.49 -27.66
CA ALA B 79 19.57 19.46 -27.46
C ALA B 79 19.88 18.63 -26.21
N MET B 80 21.13 18.23 -26.06
CA MET B 80 21.52 17.47 -24.87
C MET B 80 21.26 18.28 -23.61
N ASN B 81 21.60 19.57 -23.63
CA ASN B 81 21.39 20.42 -22.47
C ASN B 81 19.91 20.47 -22.10
N TYR B 82 19.04 20.67 -23.09
CA TYR B 82 17.62 20.62 -22.83
C TYR B 82 17.23 19.30 -22.17
N ALA B 83 17.69 18.18 -22.74
CA ALA B 83 17.25 16.89 -22.23
C ALA B 83 17.68 16.67 -20.79
N ILE B 84 18.94 16.99 -20.47
CA ILE B 84 19.43 16.77 -19.11
C ILE B 84 18.66 17.63 -18.12
N ASN B 85 18.52 18.93 -18.44
CA ASN B 85 17.83 19.82 -17.51
C ASN B 85 16.37 19.43 -17.34
N ALA B 86 15.71 19.03 -18.44
CA ALA B 86 14.31 18.64 -18.34
C ALA B 86 14.17 17.38 -17.49
N HIS B 87 15.10 16.43 -17.66
CA HIS B 87 15.09 15.24 -16.83
C HIS B 87 15.21 15.61 -15.35
N LEU B 88 16.14 16.50 -15.02
CA LEU B 88 16.30 16.88 -13.62
C LEU B 88 15.07 17.59 -13.08
N ARG B 89 14.44 18.44 -13.89
CA ARG B 89 13.28 19.18 -13.39
C ARG B 89 12.05 18.29 -13.25
N ARG B 90 11.99 17.21 -14.00
CA ARG B 90 10.79 16.38 -14.08
C ARG B 90 10.58 15.50 -12.85
N HIS B 91 11.65 15.07 -12.18
CA HIS B 91 11.56 14.03 -11.16
C HIS B 91 11.90 14.60 -9.79
N ASP B 92 10.99 14.46 -8.84
CA ASP B 92 11.14 15.10 -7.54
C ASP B 92 12.29 14.54 -6.71
N THR B 93 12.87 13.38 -7.08
CA THR B 93 14.04 12.90 -6.35
C THR B 93 15.25 13.79 -6.55
N TYR B 94 15.27 14.62 -7.59
CA TYR B 94 16.35 15.58 -7.78
C TYR B 94 16.06 16.92 -7.12
N HIS B 95 14.90 17.07 -6.48
CA HIS B 95 14.48 18.34 -5.92
C HIS B 95 14.72 18.42 -4.42
N SER B 96 15.19 17.35 -3.79
CA SER B 96 15.38 17.29 -2.36
C SER B 96 16.85 16.98 -2.05
N TRP B 97 17.27 17.37 -0.86
CA TRP B 97 18.56 16.98 -0.32
C TRP B 97 18.40 16.81 1.19
N PHE B 98 19.34 16.10 1.79
CA PHE B 98 19.18 15.69 3.17
C PHE B 98 20.38 16.15 3.97
N GLU B 99 20.17 16.27 5.28
CA GLU B 99 21.29 16.51 6.17
C GLU B 99 20.89 16.04 7.55
N PHE B 100 21.89 15.74 8.36
CA PHE B 100 21.67 15.34 9.74
C PHE B 100 21.70 16.59 10.61
N ASP B 101 20.74 16.71 11.52
CA ASP B 101 20.71 17.86 12.42
C ASP B 101 21.56 17.53 13.64
N ASN B 102 21.55 18.41 14.65
CA ASN B 102 22.34 18.14 15.85
C ASN B 102 22.05 16.79 16.46
N ALA B 103 20.89 16.21 16.20
CA ALA B 103 20.56 14.89 16.71
C ALA B 103 20.93 13.88 15.61
N GLU B 104 20.35 12.68 15.64
CA GLU B 104 20.56 11.71 14.58
C GLU B 104 19.36 11.66 13.65
N HIS B 105 18.77 12.82 13.45
CA HIS B 105 17.56 12.91 12.65
C HIS B 105 17.87 13.40 11.26
N ILE B 106 17.31 12.73 10.27
CA ILE B 106 17.56 13.12 8.88
C ILE B 106 16.51 14.16 8.51
N VAL B 107 16.97 15.32 8.07
CA VAL B 107 16.10 16.41 7.64
C VAL B 107 16.11 16.45 6.12
N ARG B 108 14.92 16.55 5.54
CA ARG B 108 14.75 16.74 4.11
C ARG B 108 14.50 18.20 3.83
N HIS B 109 15.23 18.74 2.85
CA HIS B 109 14.96 20.06 2.29
C HIS B 109 14.52 19.86 0.85
N THR B 110 13.58 20.70 0.40
CA THR B 110 13.01 20.56 -0.94
C THR B 110 12.96 21.91 -1.64
N ILE B 111 13.54 21.97 -2.83
CA ILE B 111 13.53 23.18 -3.63
C ILE B 111 12.09 23.48 -4.04
N ALA B 112 11.63 24.70 -3.76
CA ALA B 112 10.23 25.04 -3.97
C ALA B 112 9.88 25.09 -5.46
N ASP B 113 10.76 25.65 -6.29
CA ASP B 113 10.49 25.82 -7.71
C ASP B 113 11.50 25.02 -8.54
N PRO B 114 11.12 23.86 -9.09
CA PRO B 114 12.09 23.07 -9.87
C PRO B 114 12.72 23.83 -11.02
N ALA B 115 12.07 24.88 -11.51
CA ALA B 115 12.65 25.71 -12.56
C ALA B 115 13.95 26.37 -12.13
N ASP B 116 14.18 26.51 -10.82
CA ASP B 116 15.45 27.02 -10.32
C ASP B 116 16.57 26.02 -10.53
N ILE B 117 16.26 24.75 -10.74
CA ILE B 117 17.28 23.75 -10.98
C ILE B 117 17.79 23.92 -12.39
N GLU B 118 19.11 24.00 -12.53
CA GLU B 118 19.74 24.17 -13.83
C GLU B 118 21.16 23.61 -13.77
N VAL B 119 21.51 22.78 -14.74
CA VAL B 119 22.89 22.36 -14.95
C VAL B 119 23.37 22.99 -16.25
N VAL B 120 24.66 23.28 -16.27
CA VAL B 120 25.32 24.01 -17.35
C VAL B 120 26.58 23.25 -17.73
N GLN B 121 26.82 23.16 -19.02
CA GLN B 121 27.96 22.40 -19.50
C GLN B 121 29.21 23.26 -19.56
N ALA B 122 30.35 22.61 -19.33
CA ALA B 122 31.67 23.21 -19.48
C ALA B 122 32.62 22.12 -19.95
N GLU B 123 33.60 22.50 -20.77
CA GLU B 123 34.60 21.54 -21.21
C GLU B 123 35.66 21.43 -20.13
N HIS B 124 35.96 20.19 -19.71
CA HIS B 124 37.09 19.95 -18.82
C HIS B 124 38.35 19.78 -19.66
N GLN B 125 38.93 20.92 -20.03
CA GLN B 125 40.08 20.91 -20.94
C GLN B 125 41.23 20.13 -20.31
N ASN B 126 41.95 19.38 -21.13
CA ASN B 126 43.09 18.59 -20.69
C ASN B 126 42.79 17.73 -19.45
N MET B 127 41.55 17.29 -19.29
CA MET B 127 41.28 16.32 -18.24
C MET B 127 41.75 14.96 -18.76
N THR B 128 42.59 14.29 -17.99
CA THR B 128 43.06 12.98 -18.39
C THR B 128 41.99 11.93 -18.11
N SER B 129 42.24 10.70 -18.58
CA SER B 129 41.31 9.61 -18.33
C SER B 129 41.21 9.30 -16.84
N ALA B 130 42.36 9.24 -16.16
CA ALA B 130 42.35 8.97 -14.72
C ALA B 130 41.60 10.06 -13.97
N GLU B 131 41.81 11.32 -14.35
CA GLU B 131 41.06 12.40 -13.73
C GLU B 131 39.58 12.30 -14.03
N LEU B 132 39.21 11.80 -15.22
CA LEU B 132 37.79 11.65 -15.51
C LEU B 132 37.18 10.53 -14.67
N ARG B 133 37.91 9.43 -14.48
CA ARG B 133 37.42 8.35 -13.61
C ARG B 133 37.18 8.87 -12.20
N HIS B 134 38.17 9.58 -11.64
CA HIS B 134 37.99 10.15 -10.31
C HIS B 134 36.79 11.10 -10.31
N HIS B 135 36.73 11.99 -11.30
CA HIS B 135 35.67 13.01 -11.33
C HIS B 135 34.29 12.37 -11.39
N ILE B 136 34.12 11.35 -12.24
CA ILE B 136 32.81 10.75 -12.40
C ILE B 136 32.39 10.02 -11.14
N ALA B 137 33.36 9.62 -10.29
CA ALA B 137 33.02 8.92 -9.05
C ALA B 137 32.79 9.85 -7.86
N THR B 138 32.78 11.18 -8.05
CA THR B 138 32.76 12.10 -6.91
C THR B 138 31.40 12.31 -6.25
N PRO B 139 30.28 12.20 -6.97
CA PRO B 139 29.00 12.50 -6.32
C PRO B 139 28.74 11.66 -5.09
N GLN B 140 28.15 12.26 -4.10
CA GLN B 140 27.89 11.58 -2.84
C GLN B 140 26.55 12.01 -2.26
N PRO B 141 25.96 11.21 -1.37
CA PRO B 141 24.55 11.39 -0.99
C PRO B 141 24.24 12.64 -0.14
N LEU B 142 25.25 13.32 0.43
CA LEU B 142 25.00 14.46 1.31
C LEU B 142 25.26 15.80 0.62
N GLN B 143 25.29 15.83 -0.70
CA GLN B 143 25.18 17.06 -1.46
C GLN B 143 23.90 17.00 -2.28
N TRP B 144 23.30 18.16 -2.55
CA TRP B 144 22.09 18.18 -3.34
C TRP B 144 22.36 17.72 -4.77
N ASP B 145 23.36 18.30 -5.42
CA ASP B 145 23.66 17.99 -6.82
C ASP B 145 24.51 16.72 -6.93
N CYS B 146 23.94 15.62 -6.47
CA CYS B 146 24.67 14.35 -6.38
C CYS B 146 24.50 13.55 -7.68
N PHE B 147 24.90 14.18 -8.78
CA PHE B 147 24.79 13.59 -10.10
C PHE B 147 25.74 14.32 -11.05
N LEU B 148 26.16 13.61 -12.09
CA LEU B 148 26.93 14.17 -13.19
C LEU B 148 26.40 13.58 -14.48
N PHE B 149 26.37 14.41 -15.52
CA PHE B 149 25.99 13.99 -16.86
C PHE B 149 26.98 14.63 -17.82
N GLY B 150 27.39 13.89 -18.84
CA GLY B 150 28.28 14.51 -19.80
C GLY B 150 28.48 13.67 -21.03
N ILE B 151 29.34 14.17 -21.91
CA ILE B 151 29.73 13.48 -23.13
C ILE B 151 31.24 13.56 -23.29
N ILE B 152 31.79 12.55 -23.97
CA ILE B 152 33.13 12.55 -24.49
C ILE B 152 32.98 12.56 -26.00
N GLN B 153 33.33 13.69 -26.61
CA GLN B 153 33.18 13.88 -28.04
C GLN B 153 34.47 13.48 -28.76
N SER B 154 34.42 12.39 -29.51
CA SER B 154 35.52 12.06 -30.40
C SER B 154 35.25 12.66 -31.78
N ASP B 155 36.16 12.41 -32.72
CA ASP B 155 36.03 12.96 -34.06
C ASP B 155 34.67 12.64 -34.68
N ASP B 156 34.28 11.37 -34.71
CA ASP B 156 33.10 10.94 -35.46
C ASP B 156 32.03 10.30 -34.58
N HIS B 157 32.22 10.27 -33.27
CA HIS B 157 31.22 9.70 -32.38
C HIS B 157 31.45 10.30 -31.01
N PHE B 158 30.47 10.11 -30.13
CA PHE B 158 30.63 10.51 -28.75
C PHE B 158 30.00 9.48 -27.81
N THR B 159 30.47 9.52 -26.58
CA THR B 159 29.98 8.66 -25.51
C THR B 159 29.25 9.54 -24.51
N PHE B 160 28.05 9.11 -24.12
CA PHE B 160 27.29 9.78 -23.07
C PHE B 160 27.50 9.02 -21.78
N TYR B 161 27.75 9.76 -20.69
CA TYR B 161 27.91 9.16 -19.38
C TYR B 161 26.97 9.83 -18.39
N ALA B 162 26.50 9.00 -17.46
CA ALA B 162 25.61 9.41 -16.39
C ALA B 162 26.09 8.77 -15.10
N SER B 163 26.25 9.57 -14.07
CA SER B 163 26.63 9.09 -12.75
C SER B 163 25.66 9.69 -11.74
N ILE B 164 24.81 8.86 -11.15
CA ILE B 164 23.72 9.35 -10.32
C ILE B 164 23.77 8.62 -8.99
N ALA B 165 23.70 9.37 -7.90
CA ALA B 165 23.62 8.78 -6.57
C ALA B 165 22.45 7.80 -6.49
N HIS B 166 22.74 6.60 -5.99
CA HIS B 166 21.67 5.62 -5.74
C HIS B 166 20.57 6.21 -4.88
N LEU B 167 20.93 7.19 -4.06
CA LEU B 167 19.97 7.96 -3.27
C LEU B 167 18.74 8.33 -4.08
N CYS B 168 18.92 8.63 -5.38
CA CYS B 168 17.87 9.18 -6.21
C CYS B 168 17.24 8.18 -7.17
N VAL B 169 17.83 7.01 -7.36
CA VAL B 169 17.39 6.12 -8.43
C VAL B 169 17.51 4.65 -8.03
N ASP B 170 17.06 3.79 -8.93
CA ASP B 170 17.32 2.35 -8.88
C ASP B 170 17.35 1.89 -10.33
N PRO B 171 17.39 0.62 -10.59
CA PRO B 171 17.62 0.18 -11.95
C PRO B 171 16.61 0.71 -13.01
N MET B 172 15.41 1.03 -12.58
CA MET B 172 14.42 1.58 -13.51
C MET B 172 14.96 2.79 -14.26
N ILE B 173 15.92 3.50 -13.66
CA ILE B 173 16.43 4.72 -14.27
C ILE B 173 16.94 4.44 -15.68
N VAL B 174 17.48 3.25 -15.91
CA VAL B 174 18.00 2.94 -17.23
C VAL B 174 16.92 3.21 -18.27
N GLY B 175 15.78 2.55 -18.12
CA GLY B 175 14.71 2.74 -19.10
C GLY B 175 14.35 4.20 -19.21
N VAL B 176 14.27 4.89 -18.07
CA VAL B 176 13.86 6.29 -18.09
C VAL B 176 14.86 7.11 -18.87
N LEU B 177 16.16 6.89 -18.62
CA LEU B 177 17.16 7.68 -19.34
C LEU B 177 17.04 7.41 -20.83
N PHE B 178 16.79 6.15 -21.19
CA PHE B 178 16.70 5.82 -22.60
C PHE B 178 15.61 6.66 -23.25
N ILE B 179 14.52 6.91 -22.55
CA ILE B 179 13.47 7.73 -23.13
C ILE B 179 13.84 9.20 -23.02
N GLU B 180 14.30 9.64 -21.85
CA GLU B 180 14.31 11.07 -21.59
C GLU B 180 15.61 11.73 -22.04
N ILE B 181 16.64 10.93 -22.33
CA ILE B 181 17.86 11.44 -22.93
C ILE B 181 17.87 11.06 -24.42
N HIS B 182 17.91 9.77 -24.71
CA HIS B 182 18.14 9.30 -26.08
C HIS B 182 16.96 9.63 -26.99
N MET B 183 15.78 9.18 -26.63
CA MET B 183 14.58 9.43 -27.44
C MET B 183 14.29 10.98 -27.55
N MET B 184 14.42 11.66 -26.44
CA MET B 184 14.25 13.11 -26.42
C MET B 184 15.25 13.78 -27.35
N TYR B 185 16.51 13.35 -27.28
CA TYR B 185 17.55 13.92 -28.13
C TYR B 185 17.23 13.67 -29.60
N SER B 186 16.84 12.44 -29.95
CA SER B 186 16.50 12.12 -31.33
C SER B 186 15.34 12.99 -31.82
N ALA B 187 14.38 13.28 -30.95
CA ALA B 187 13.30 14.17 -31.35
C ALA B 187 13.84 15.56 -31.64
N LEU B 188 14.66 16.10 -30.74
CA LEU B 188 15.08 17.49 -30.86
C LEU B 188 16.00 17.70 -32.07
N VAL B 189 16.98 16.83 -32.28
CA VAL B 189 17.87 17.05 -33.42
C VAL B 189 17.15 16.79 -34.73
N GLY B 190 16.07 16.01 -34.71
CA GLY B 190 15.20 15.94 -35.87
C GLY B 190 14.34 17.16 -36.09
N GLY B 191 14.36 18.11 -35.16
CA GLY B 191 13.56 19.32 -35.28
C GLY B 191 12.18 19.23 -34.69
N ASP B 192 11.90 18.23 -33.89
CA ASP B 192 10.60 18.08 -33.29
C ASP B 192 10.57 18.77 -31.94
N PRO B 193 9.38 19.01 -31.38
CA PRO B 193 9.30 19.50 -30.02
C PRO B 193 9.69 18.41 -29.03
N PRO B 194 9.93 18.78 -27.78
CA PRO B 194 10.21 17.74 -26.79
C PRO B 194 9.12 16.69 -26.81
N ILE B 195 9.52 15.42 -26.67
CA ILE B 195 8.56 14.34 -26.72
C ILE B 195 7.59 14.48 -25.56
N GLU B 196 6.34 14.08 -25.81
CA GLU B 196 5.32 14.11 -24.79
C GLU B 196 5.54 12.92 -23.86
N LEU B 197 5.58 13.21 -22.56
CA LEU B 197 5.79 12.18 -21.57
C LEU B 197 4.56 12.07 -20.69
N PRO B 198 4.25 10.89 -20.16
CA PRO B 198 3.18 10.80 -19.17
C PRO B 198 3.55 11.57 -17.91
N PRO B 199 2.58 11.96 -17.09
CA PRO B 199 2.92 12.68 -15.86
C PRO B 199 3.86 11.83 -15.02
N ALA B 200 4.89 12.47 -14.47
CA ALA B 200 5.85 11.76 -13.64
C ALA B 200 5.25 11.53 -12.26
N GLY B 201 5.48 10.34 -11.71
CA GLY B 201 5.13 10.09 -10.34
C GLY B 201 6.06 10.82 -9.38
N ARG B 202 5.56 10.98 -8.15
CA ARG B 202 6.25 11.70 -7.09
C ARG B 202 6.76 10.70 -6.07
N TYR B 203 8.09 10.67 -5.88
CA TYR B 203 8.68 9.78 -4.89
C TYR B 203 8.35 10.23 -3.47
N ASP B 204 8.18 11.55 -3.26
CA ASP B 204 7.71 12.06 -1.97
C ASP B 204 6.47 11.28 -1.50
N ASP B 205 5.49 11.13 -2.39
CA ASP B 205 4.26 10.41 -2.04
C ASP B 205 4.57 9.00 -1.57
N HIS B 206 5.53 8.34 -2.22
CA HIS B 206 5.90 6.99 -1.81
C HIS B 206 6.51 6.98 -0.41
N CYS B 207 7.35 7.97 -0.10
CA CYS B 207 7.93 8.05 1.24
C CYS B 207 6.84 8.17 2.29
N VAL B 208 5.87 9.06 2.04
CA VAL B 208 4.76 9.23 2.99
C VAL B 208 4.00 7.92 3.14
N ARG B 209 3.64 7.30 2.03
CA ARG B 209 2.87 6.06 2.12
C ARG B 209 3.64 4.98 2.86
N GLN B 210 4.95 4.88 2.60
CA GLN B 210 5.75 3.86 3.23
C GLN B 210 5.79 4.05 4.74
N TYR B 211 5.90 5.30 5.21
CA TYR B 211 5.92 5.49 6.65
C TYR B 211 4.56 5.19 7.29
N ALA B 212 3.46 5.55 6.61
CA ALA B 212 2.16 5.17 7.15
C ALA B 212 2.01 3.65 7.23
N ASP B 213 2.44 2.93 6.19
CA ASP B 213 2.30 1.48 6.16
C ASP B 213 3.18 0.80 7.22
N THR B 214 4.45 1.22 7.32
CA THR B 214 5.32 0.63 8.34
C THR B 214 4.84 0.97 9.74
N ALA B 215 4.21 2.14 9.93
CA ALA B 215 3.68 2.49 11.23
C ALA B 215 2.51 1.62 11.62
N ALA B 216 1.79 1.07 10.63
CA ALA B 216 0.72 0.14 10.99
C ALA B 216 1.23 -1.21 11.49
N LEU B 217 2.53 -1.49 11.41
CA LEU B 217 3.08 -2.79 11.80
C LEU B 217 3.46 -2.81 13.29
N THR B 218 3.32 -3.99 13.88
CA THR B 218 3.81 -4.28 15.22
C THR B 218 4.72 -5.50 15.16
N LEU B 219 5.39 -5.77 16.28
CA LEU B 219 6.28 -6.93 16.34
C LEU B 219 5.53 -8.23 16.12
N ASP B 220 4.23 -8.25 16.38
CA ASP B 220 3.45 -9.47 16.26
C ASP B 220 2.74 -9.61 14.91
N SER B 221 2.81 -8.61 14.05
CA SER B 221 2.23 -8.72 12.70
C SER B 221 2.86 -9.88 11.95
N ALA B 222 2.05 -10.55 11.13
CA ALA B 222 2.49 -11.77 10.45
C ALA B 222 3.73 -11.52 9.59
N ARG B 223 3.74 -10.43 8.84
CA ARG B 223 4.88 -10.18 7.95
C ARG B 223 6.16 -9.92 8.75
N VAL B 224 6.05 -9.17 9.85
CA VAL B 224 7.21 -8.93 10.71
C VAL B 224 7.69 -10.24 11.31
N ARG B 225 6.76 -11.03 11.85
CA ARG B 225 7.13 -12.32 12.41
C ARG B 225 7.82 -13.19 11.37
N ARG B 226 7.41 -13.09 10.12
CA ARG B 226 8.08 -13.86 9.06
C ARG B 226 9.52 -13.40 8.87
N TRP B 227 9.75 -12.09 8.76
CA TRP B 227 11.13 -11.59 8.70
C TRP B 227 11.94 -12.03 9.91
N VAL B 228 11.35 -11.93 11.10
CA VAL B 228 12.06 -12.32 12.32
C VAL B 228 12.48 -13.78 12.25
N GLU B 229 11.55 -14.65 11.83
CA GLU B 229 11.86 -16.07 11.76
C GLU B 229 12.96 -16.33 10.73
N PHE B 230 12.95 -15.60 9.61
CA PHE B 230 14.02 -15.74 8.63
C PHE B 230 15.38 -15.39 9.24
N ALA B 231 15.45 -14.24 9.92
CA ALA B 231 16.71 -13.83 10.53
C ALA B 231 17.15 -14.81 11.62
N ALA B 232 16.19 -15.31 12.41
CA ALA B 232 16.53 -16.27 13.45
C ALA B 232 17.02 -17.58 12.84
N ASN B 233 16.45 -17.98 11.71
CA ASN B 233 16.94 -19.13 10.97
C ASN B 233 18.29 -18.85 10.33
N ASN B 234 18.75 -17.61 10.33
CA ASN B 234 20.12 -17.33 9.91
C ASN B 234 20.96 -16.63 10.98
N ASP B 235 20.91 -17.14 12.20
CA ASP B 235 21.79 -16.68 13.27
C ASP B 235 21.55 -15.21 13.64
N GLY B 236 20.31 -14.75 13.55
CA GLY B 236 19.92 -13.43 14.04
C GLY B 236 20.12 -12.29 13.06
N THR B 237 20.43 -12.57 11.80
CA THR B 237 20.66 -11.51 10.82
C THR B 237 20.28 -12.04 9.44
N LEU B 238 20.56 -11.25 8.41
CA LEU B 238 20.31 -11.68 7.06
C LEU B 238 21.38 -12.67 6.62
N PRO B 239 21.09 -13.52 5.64
CA PRO B 239 22.00 -14.62 5.32
C PRO B 239 23.39 -14.12 4.95
N HIS B 240 24.39 -14.87 5.44
CA HIS B 240 25.79 -14.65 5.14
C HIS B 240 26.18 -15.51 3.94
N PHE B 241 27.19 -15.06 3.19
CA PHE B 241 27.72 -15.89 2.12
C PHE B 241 28.25 -17.20 2.71
N PRO B 242 27.92 -18.35 2.12
CA PRO B 242 28.21 -19.64 2.78
C PRO B 242 29.66 -20.10 2.70
N LEU B 243 30.56 -19.31 2.13
CA LEU B 243 31.99 -19.64 2.00
C LEU B 243 32.86 -18.62 2.64
N PRO B 244 34.05 -19.02 3.06
CA PRO B 244 34.91 -18.06 3.76
C PRO B 244 35.32 -16.89 2.88
N LEU B 245 35.53 -15.76 3.54
CA LEU B 245 36.03 -14.56 2.86
C LEU B 245 37.35 -14.18 3.53
N GLY B 246 37.81 -12.97 3.30
CA GLY B 246 39.07 -12.51 3.87
C GLY B 246 38.83 -11.82 5.20
N ASP B 247 39.81 -11.04 5.62
CA ASP B 247 39.71 -10.28 6.85
C ASP B 247 38.94 -9.00 6.54
N LEU B 248 37.68 -8.93 6.96
CA LEU B 248 36.83 -7.82 6.59
C LEU B 248 37.07 -6.58 7.45
N SER B 249 38.01 -6.63 8.40
CA SER B 249 38.39 -5.44 9.14
C SER B 249 39.37 -4.55 8.38
N VAL B 250 39.88 -5.00 7.24
CA VAL B 250 40.73 -4.16 6.40
C VAL B 250 39.97 -3.87 5.12
N PRO B 251 39.99 -2.62 4.61
CA PRO B 251 39.10 -2.23 3.49
C PRO B 251 39.58 -2.55 2.07
N HIS B 252 39.34 -3.77 1.62
CA HIS B 252 39.52 -4.09 0.21
C HIS B 252 38.40 -3.48 -0.62
N THR B 253 38.74 -3.12 -1.86
CA THR B 253 37.75 -2.66 -2.81
C THR B 253 36.99 -3.85 -3.40
N GLY B 254 35.89 -3.54 -4.07
CA GLY B 254 35.06 -4.57 -4.67
C GLY B 254 35.65 -5.07 -5.99
N LYS B 255 35.52 -6.36 -6.21
CA LYS B 255 36.00 -7.02 -7.42
C LYS B 255 34.84 -7.68 -8.16
N LEU B 256 34.95 -7.73 -9.48
CA LEU B 256 33.88 -8.26 -10.33
C LEU B 256 34.29 -9.58 -10.96
N LEU B 257 33.32 -10.46 -11.06
CA LEU B 257 33.46 -11.69 -11.81
C LEU B 257 32.24 -11.93 -12.69
N THR B 258 32.42 -12.10 -13.98
CA THR B 258 31.31 -12.33 -14.91
C THR B 258 31.52 -13.65 -15.65
N GLU B 259 30.41 -14.35 -15.92
CA GLU B 259 30.44 -15.63 -16.61
C GLU B 259 29.15 -15.81 -17.39
N THR B 260 29.26 -16.47 -18.54
CA THR B 260 28.10 -16.81 -19.34
C THR B 260 27.58 -18.18 -18.94
N LEU B 261 26.28 -18.26 -18.63
CA LEU B 261 25.67 -19.52 -18.21
C LEU B 261 25.03 -20.29 -19.36
N MET B 262 24.33 -19.63 -20.23
CA MET B 262 23.66 -20.30 -21.30
C MET B 262 23.49 -19.51 -22.60
N ASP B 263 23.35 -20.23 -23.70
CA ASP B 263 23.00 -19.60 -24.96
C ASP B 263 21.47 -19.58 -25.10
N GLU B 264 20.99 -19.06 -26.25
CA GLU B 264 19.56 -18.87 -26.44
C GLU B 264 18.81 -20.20 -26.36
N GLN B 265 19.32 -21.21 -27.08
CA GLN B 265 18.65 -22.52 -27.12
C GLN B 265 18.61 -23.14 -25.72
N GLN B 266 19.73 -23.09 -25.01
CA GLN B 266 19.72 -23.54 -23.62
C GLN B 266 18.72 -22.74 -22.80
N GLY B 267 18.47 -21.48 -23.14
CA GLY B 267 17.51 -20.65 -22.43
C GLY B 267 16.03 -21.02 -22.62
N GLU B 268 15.67 -21.28 -23.86
CA GLU B 268 14.30 -21.69 -24.14
C GLU B 268 14.08 -23.10 -23.47
N ARG B 269 15.07 -23.96 -23.56
CA ARG B 269 14.92 -25.29 -22.94
C ARG B 269 14.89 -25.19 -21.42
N PHE B 270 15.70 -24.32 -20.83
CA PHE B 270 15.69 -24.14 -19.38
C PHE B 270 14.31 -23.69 -18.90
N GLU B 271 13.77 -22.64 -19.53
CA GLU B 271 12.43 -22.16 -19.16
C GLU B 271 11.40 -23.26 -19.32
N ALA B 272 11.48 -24.02 -20.40
CA ALA B 272 10.50 -25.12 -20.61
C ALA B 272 10.62 -26.14 -19.45
N ALA B 273 11.83 -26.47 -19.05
CA ALA B 273 12.00 -27.36 -17.90
C ALA B 273 11.35 -26.76 -16.65
N CYS B 274 11.49 -25.47 -16.48
CA CYS B 274 10.92 -24.85 -15.31
C CYS B 274 9.36 -24.98 -15.36
N VAL B 275 8.83 -24.69 -16.51
CA VAL B 275 7.38 -24.70 -16.64
C VAL B 275 6.81 -26.09 -16.36
N ALA B 276 7.52 -27.08 -16.87
CA ALA B 276 7.10 -28.47 -16.68
C ALA B 276 7.21 -28.82 -15.18
N ALA B 277 8.24 -28.32 -14.51
CA ALA B 277 8.48 -28.62 -13.11
C ALA B 277 7.52 -27.90 -12.18
N GLY B 278 6.62 -27.08 -12.73
CA GLY B 278 5.74 -26.29 -11.90
C GLY B 278 6.40 -25.04 -11.37
N ALA B 279 7.42 -24.54 -12.07
CA ALA B 279 8.14 -23.34 -11.68
C ALA B 279 8.33 -22.45 -12.90
N ARG B 280 8.99 -21.32 -12.70
CA ARG B 280 9.33 -20.42 -13.79
C ARG B 280 10.84 -20.19 -13.78
N PHE B 281 11.30 -19.42 -14.77
CA PHE B 281 12.73 -19.17 -14.92
C PHE B 281 13.35 -18.76 -13.59
N SER B 282 12.75 -17.76 -12.94
CA SER B 282 13.31 -17.22 -11.69
C SER B 282 13.42 -18.30 -10.63
N GLY B 283 12.34 -19.07 -10.44
CA GLY B 283 12.40 -20.18 -9.52
C GLY B 283 13.56 -21.08 -9.83
N GLY B 284 13.79 -21.35 -11.12
CA GLY B 284 14.94 -22.13 -11.52
C GLY B 284 16.26 -21.46 -11.17
N VAL B 285 16.32 -20.14 -11.24
CA VAL B 285 17.54 -19.43 -10.90
C VAL B 285 17.91 -19.68 -9.44
N PHE B 286 16.96 -19.45 -8.54
CA PHE B 286 17.26 -19.69 -7.14
C PHE B 286 17.47 -21.17 -6.87
N ALA B 287 16.77 -22.03 -7.61
CA ALA B 287 17.02 -23.47 -7.51
C ALA B 287 18.46 -23.80 -7.87
N CYS B 288 19.01 -23.16 -8.92
CA CYS B 288 20.37 -23.45 -9.33
C CYS B 288 21.39 -22.90 -8.34
N ALA B 289 21.14 -21.71 -7.79
CA ALA B 289 22.00 -21.20 -6.72
C ALA B 289 21.99 -22.14 -5.53
N ALA B 290 20.81 -22.60 -5.13
CA ALA B 290 20.69 -23.49 -3.97
C ALA B 290 21.37 -24.82 -4.21
N LEU B 291 21.08 -25.43 -5.37
CA LEU B 291 21.65 -26.76 -5.70
C LEU B 291 23.20 -26.60 -5.73
N ALA B 292 23.65 -25.51 -6.28
CA ALA B 292 25.09 -25.25 -6.39
C ALA B 292 25.69 -25.17 -4.97
N GLU B 293 25.02 -24.51 -4.07
CA GLU B 293 25.44 -24.51 -2.68
C GLU B 293 25.37 -25.91 -2.07
N ARG B 294 24.42 -26.74 -2.53
CA ARG B 294 24.35 -28.11 -2.04
C ARG B 294 25.62 -28.87 -2.42
N GLU B 295 26.03 -28.78 -3.66
CA GLU B 295 27.25 -29.48 -4.05
C GLU B 295 28.47 -28.94 -3.28
N LEU B 296 28.52 -27.65 -3.08
CA LEU B 296 29.72 -27.10 -2.47
C LEU B 296 29.78 -27.12 -0.93
N THR B 297 28.65 -27.27 -0.27
CA THR B 297 28.65 -27.21 1.20
C THR B 297 27.93 -28.37 1.87
N ASN B 298 27.08 -29.12 1.18
CA ASN B 298 26.30 -30.19 1.80
C ASN B 298 25.38 -29.66 2.90
N CYS B 299 24.93 -28.42 2.72
CA CYS B 299 23.97 -27.75 3.64
C CYS B 299 22.57 -28.30 3.41
N GLU B 300 21.70 -28.17 4.39
CA GLU B 300 20.33 -28.67 4.17
C GLU B 300 19.40 -27.66 3.44
N THR B 301 19.56 -26.40 3.76
CA THR B 301 18.70 -25.40 3.14
C THR B 301 19.52 -24.20 2.73
N PHE B 302 19.07 -23.53 1.68
CA PHE B 302 19.71 -22.35 1.15
C PHE B 302 18.88 -21.13 1.51
N ASP B 303 19.52 -20.13 2.10
CA ASP B 303 18.85 -18.89 2.47
C ASP B 303 19.59 -17.72 1.83
N VAL B 304 18.84 -16.82 1.21
CA VAL B 304 19.43 -15.60 0.66
C VAL B 304 18.34 -14.55 0.60
N VAL B 305 18.72 -13.28 0.40
CA VAL B 305 17.76 -12.23 0.08
C VAL B 305 17.96 -11.84 -1.37
N THR B 306 16.86 -11.59 -2.06
CA THR B 306 16.91 -11.13 -3.44
C THR B 306 16.15 -9.83 -3.55
N THR B 307 16.59 -8.97 -4.46
CA THR B 307 15.97 -7.67 -4.63
C THR B 307 14.73 -7.77 -5.51
N THR B 308 13.79 -6.87 -5.27
CA THR B 308 12.62 -6.78 -6.12
C THR B 308 12.15 -5.33 -6.18
N ASP B 309 11.49 -4.98 -7.27
CA ASP B 309 10.95 -3.64 -7.48
C ASP B 309 9.57 -3.57 -6.81
N THR B 310 9.44 -2.74 -5.77
CA THR B 310 8.17 -2.66 -5.04
C THR B 310 7.17 -1.72 -5.68
N ARG B 311 7.46 -1.13 -6.84
CA ARG B 311 6.45 -0.35 -7.55
C ARG B 311 5.25 -1.24 -7.89
N ARG B 312 4.04 -0.68 -7.75
CA ARG B 312 2.85 -1.46 -8.07
C ARG B 312 1.79 -0.71 -8.87
N THR B 313 1.45 0.51 -8.49
CA THR B 313 0.46 1.28 -9.21
C THR B 313 1.04 1.89 -10.48
N PRO B 314 0.19 2.27 -11.43
CA PRO B 314 0.72 2.98 -12.61
C PRO B 314 1.57 4.18 -12.25
N THR B 315 1.16 4.94 -11.23
CA THR B 315 1.90 6.13 -10.85
C THR B 315 3.29 5.77 -10.32
N GLU B 316 3.37 4.72 -9.50
CA GLU B 316 4.66 4.27 -9.02
C GLU B 316 5.54 3.77 -10.16
N LEU B 317 4.94 3.10 -11.14
CA LEU B 317 5.70 2.64 -12.30
C LEU B 317 6.28 3.80 -13.08
N ARG B 318 5.67 4.99 -12.99
CA ARG B 318 6.20 6.18 -13.63
C ARG B 318 7.02 7.04 -12.68
N THR B 319 7.46 6.49 -11.55
CA THR B 319 8.18 7.26 -10.53
C THR B 319 9.64 6.86 -10.54
N THR B 320 10.52 7.84 -10.70
CA THR B 320 11.94 7.59 -10.56
C THR B 320 12.31 7.65 -9.08
N GLY B 321 13.11 6.69 -8.64
CA GLY B 321 13.54 6.64 -7.26
C GLY B 321 13.87 5.24 -6.83
N TRP B 322 14.22 5.12 -5.54
CA TRP B 322 14.72 3.89 -4.94
C TRP B 322 13.55 3.11 -4.36
N PHE B 323 12.98 2.21 -5.16
CA PHE B 323 11.89 1.34 -4.74
C PHE B 323 12.33 -0.07 -4.40
N THR B 324 13.61 -0.38 -4.51
CA THR B 324 14.08 -1.74 -4.31
C THR B 324 13.81 -2.22 -2.89
N GLY B 325 13.19 -3.39 -2.78
CA GLY B 325 13.02 -4.08 -1.52
C GLY B 325 13.67 -5.46 -1.54
N LEU B 326 13.60 -6.13 -0.38
CA LEU B 326 14.25 -7.42 -0.19
C LEU B 326 13.24 -8.52 0.06
N VAL B 327 13.45 -9.65 -0.61
CA VAL B 327 12.62 -10.85 -0.47
C VAL B 327 13.47 -11.93 0.20
N PRO B 328 12.99 -12.55 1.29
CA PRO B 328 13.73 -13.65 1.93
C PRO B 328 13.45 -14.98 1.23
N ILE B 329 14.47 -15.52 0.58
CA ILE B 329 14.39 -16.76 -0.18
C ILE B 329 14.91 -17.90 0.70
N THR B 330 14.12 -18.96 0.81
CA THR B 330 14.50 -20.20 1.49
C THR B 330 14.19 -21.36 0.57
N VAL B 331 15.20 -22.18 0.35
CA VAL B 331 15.02 -23.37 -0.45
C VAL B 331 15.51 -24.64 0.25
N PRO B 332 14.61 -25.59 0.47
CA PRO B 332 15.02 -26.88 1.02
C PRO B 332 15.75 -27.63 -0.11
N VAL B 333 16.85 -28.28 0.17
CA VAL B 333 17.65 -28.88 -0.89
C VAL B 333 18.13 -30.28 -0.49
N ALA B 334 17.25 -31.02 0.15
CA ALA B 334 17.59 -32.38 0.57
C ALA B 334 17.66 -33.36 -0.62
N SER B 335 16.64 -33.29 -1.45
CA SER B 335 16.49 -34.30 -2.50
C SER B 335 17.54 -34.17 -3.58
N GLY B 336 17.92 -32.95 -3.95
CA GLY B 336 18.85 -32.74 -5.03
C GLY B 336 18.25 -32.76 -6.42
N LEU B 337 16.96 -32.97 -6.54
CA LEU B 337 16.31 -32.90 -7.84
C LEU B 337 16.06 -31.41 -8.18
N PHE B 338 16.05 -31.15 -9.46
CA PHE B 338 15.80 -29.79 -9.92
C PHE B 338 14.32 -29.41 -9.87
N ASP B 339 13.45 -30.35 -10.14
CA ASP B 339 12.04 -30.04 -10.24
C ASP B 339 11.50 -29.54 -8.89
N SER B 340 11.76 -30.28 -7.82
CA SER B 340 11.26 -29.89 -6.51
C SER B 340 11.90 -28.59 -6.04
N ALA B 341 13.21 -28.46 -6.23
CA ALA B 341 13.90 -27.23 -5.83
C ALA B 341 13.29 -26.03 -6.52
N ALA B 342 13.02 -26.14 -7.82
CA ALA B 342 12.42 -25.02 -8.56
C ALA B 342 11.00 -24.75 -8.09
N ARG B 343 10.24 -25.81 -7.79
CA ARG B 343 8.89 -25.64 -7.25
C ARG B 343 8.91 -24.82 -5.97
N VAL B 344 9.67 -25.29 -4.97
CA VAL B 344 9.66 -24.63 -3.68
C VAL B 344 10.28 -23.23 -3.78
N ALA B 345 11.38 -23.11 -4.52
CA ALA B 345 12.00 -21.79 -4.68
C ALA B 345 11.02 -20.82 -5.31
N GLN B 346 10.26 -21.28 -6.31
CA GLN B 346 9.25 -20.42 -6.92
C GLN B 346 8.24 -19.97 -5.89
N ILE B 347 7.79 -20.88 -5.02
CA ILE B 347 6.83 -20.51 -3.99
C ILE B 347 7.42 -19.46 -3.05
N SER B 348 8.68 -19.64 -2.66
CA SER B 348 9.31 -18.67 -1.75
C SER B 348 9.44 -17.30 -2.39
N PHE B 349 9.84 -17.25 -3.65
CA PHE B 349 9.96 -15.98 -4.37
C PHE B 349 8.61 -15.29 -4.47
N ASP B 350 7.61 -15.98 -5.02
CA ASP B 350 6.31 -15.38 -5.27
C ASP B 350 5.65 -14.96 -3.98
N SER B 351 5.51 -15.87 -3.03
CA SER B 351 4.88 -15.54 -1.76
C SER B 351 5.68 -14.51 -0.97
N GLY B 352 7.00 -14.42 -1.24
CA GLY B 352 7.82 -13.41 -0.59
C GLY B 352 7.69 -12.03 -1.17
N LYS B 353 7.11 -11.89 -2.37
CA LYS B 353 6.88 -10.54 -2.90
C LYS B 353 6.14 -9.65 -1.89
N ASP B 354 5.16 -10.20 -1.19
CA ASP B 354 4.39 -9.41 -0.22
C ASP B 354 5.26 -8.92 0.94
N LEU B 355 6.43 -9.51 1.16
CA LEU B 355 7.31 -9.11 2.24
C LEU B 355 8.30 -8.02 1.85
N ALA B 356 8.49 -7.79 0.54
CA ALA B 356 9.50 -6.83 0.10
C ALA B 356 9.16 -5.40 0.47
N THR B 357 7.89 -5.12 0.75
CA THR B 357 7.47 -3.79 1.13
C THR B 357 7.66 -3.52 2.63
N VAL B 358 8.11 -4.51 3.40
CA VAL B 358 8.43 -4.33 4.81
C VAL B 358 9.94 -4.14 4.92
N PRO B 359 10.42 -2.93 5.21
CA PRO B 359 11.88 -2.76 5.37
C PRO B 359 12.36 -3.49 6.61
N PHE B 360 13.54 -4.11 6.48
CA PHE B 360 14.09 -4.84 7.62
C PHE B 360 14.47 -3.91 8.76
N ASP B 361 14.76 -2.64 8.47
CA ASP B 361 15.00 -1.69 9.55
C ASP B 361 13.77 -1.53 10.43
N ARG B 362 12.57 -1.58 9.85
CA ARG B 362 11.37 -1.52 10.67
C ARG B 362 11.30 -2.73 11.59
N VAL B 363 11.68 -3.91 11.06
CA VAL B 363 11.74 -5.10 11.90
C VAL B 363 12.70 -4.88 13.05
N LEU B 364 13.86 -4.28 12.77
CA LEU B 364 14.84 -4.03 13.82
C LEU B 364 14.31 -3.04 14.85
N GLU B 365 13.56 -2.03 14.41
CA GLU B 365 12.91 -1.13 15.35
C GLU B 365 11.98 -1.89 16.29
N LEU B 366 11.09 -2.71 15.72
CA LEU B 366 10.06 -3.37 16.50
C LEU B 366 10.61 -4.49 17.37
N ALA B 367 11.73 -5.08 16.96
CA ALA B 367 12.27 -6.22 17.68
C ALA B 367 12.78 -5.78 19.05
N ARG B 368 12.67 -6.69 20.01
CA ARG B 368 13.17 -6.48 21.35
C ARG B 368 14.41 -7.35 21.58
N PRO B 369 15.18 -7.07 22.63
CA PRO B 369 16.29 -7.99 22.97
C PRO B 369 15.85 -9.44 23.06
N GLU B 370 14.61 -9.69 23.46
CA GLU B 370 14.11 -11.10 23.52
C GLU B 370 13.89 -11.66 22.11
N THR B 371 13.75 -10.76 21.17
CA THR B 371 13.61 -11.20 19.79
C THR B 371 14.95 -11.80 19.31
N GLY B 372 16.06 -11.24 19.81
CA GLY B 372 17.38 -11.77 19.52
C GLY B 372 17.95 -11.40 18.16
N LEU B 373 17.65 -10.20 17.67
CA LEU B 373 18.14 -9.74 16.37
C LEU B 373 19.19 -8.64 16.52
N ARG B 374 19.85 -8.35 15.41
CA ARG B 374 20.87 -7.31 15.38
C ARG B 374 21.07 -6.90 13.92
N PRO B 375 21.60 -5.72 13.65
CA PRO B 375 21.84 -5.31 12.25
C PRO B 375 23.02 -6.11 11.70
N PRO B 376 22.96 -6.60 10.47
CA PRO B 376 23.94 -7.57 9.98
C PRO B 376 25.38 -7.06 9.98
N ARG B 377 26.28 -8.00 10.12
CA ARG B 377 27.72 -7.78 10.05
C ARG B 377 28.19 -8.00 8.63
N PRO B 378 29.45 -7.63 8.33
CA PRO B 378 29.96 -7.82 6.96
C PRO B 378 29.86 -9.26 6.48
N GLY B 379 29.75 -9.41 5.16
CA GLY B 379 29.70 -10.70 4.50
C GLY B 379 28.33 -11.22 4.09
N ASN B 380 27.28 -10.40 4.21
CA ASN B 380 25.96 -10.82 3.80
C ASN B 380 25.93 -11.15 2.30
N PHE B 381 24.87 -11.85 1.87
CA PHE B 381 24.76 -12.39 0.53
C PHE B 381 23.44 -11.95 -0.08
N VAL B 382 23.50 -11.24 -1.21
CA VAL B 382 22.33 -10.70 -1.89
C VAL B 382 22.36 -11.13 -3.35
N MET B 383 21.25 -11.70 -3.83
CA MET B 383 21.06 -12.07 -5.23
C MET B 383 20.13 -11.09 -5.93
N SER B 384 20.05 -11.25 -7.24
CA SER B 384 19.04 -10.60 -8.07
C SER B 384 18.91 -11.40 -9.35
N PHE B 385 17.68 -11.63 -9.79
CA PHE B 385 17.40 -12.13 -11.12
C PHE B 385 16.77 -11.01 -11.94
N LEU B 386 17.34 -10.77 -13.11
CA LEU B 386 16.87 -9.74 -14.04
C LEU B 386 16.55 -10.39 -15.38
N ASP B 387 15.32 -10.18 -15.86
CA ASP B 387 14.91 -10.61 -17.18
C ASP B 387 15.02 -9.40 -18.12
N ALA B 388 16.14 -9.30 -18.82
CA ALA B 388 16.37 -8.20 -19.74
C ALA B 388 15.86 -8.52 -21.15
N SER B 389 15.11 -9.60 -21.31
CA SER B 389 14.55 -9.95 -22.60
C SER B 389 13.14 -9.38 -22.77
N ILE B 390 12.51 -8.95 -21.68
CA ILE B 390 11.13 -8.50 -21.71
C ILE B 390 10.99 -7.09 -21.15
N ALA B 391 11.88 -6.81 -20.20
CA ALA B 391 11.93 -5.51 -19.46
C ALA B 391 12.38 -4.40 -20.39
N PRO B 392 12.34 -3.15 -19.95
CA PRO B 392 12.66 -2.12 -20.91
C PRO B 392 14.07 -2.44 -21.38
N LEU B 393 14.71 -3.23 -20.57
CA LEU B 393 16.13 -3.43 -20.84
C LEU B 393 16.26 -3.93 -22.26
N SER B 394 15.29 -4.73 -22.63
CA SER B 394 15.30 -5.29 -23.97
C SER B 394 15.65 -4.22 -25.01
N THR B 395 14.90 -3.14 -25.03
CA THR B 395 15.15 -2.14 -26.06
C THR B 395 16.60 -1.60 -25.92
N VAL B 396 17.01 -1.37 -24.70
CA VAL B 396 18.40 -0.96 -24.49
C VAL B 396 19.34 -2.09 -24.87
N ALA B 397 19.00 -3.26 -24.37
CA ALA B 397 19.85 -4.45 -24.60
C ALA B 397 19.95 -4.77 -26.11
N ASN B 398 18.84 -4.63 -26.79
CA ASN B 398 18.72 -4.91 -28.21
C ASN B 398 18.92 -3.66 -29.06
N SER B 399 19.60 -2.66 -28.49
CA SER B 399 19.86 -1.40 -29.22
C SER B 399 21.30 -1.37 -29.75
N ASP B 400 21.47 -0.65 -30.83
CA ASP B 400 22.77 -0.58 -31.49
C ASP B 400 23.76 0.07 -30.51
N LEU B 401 23.22 0.64 -29.45
CA LEU B 401 24.03 1.39 -28.45
C LEU B 401 24.80 0.45 -27.56
N ASN B 402 26.02 0.78 -27.29
CA ASN B 402 26.87 -0.10 -26.49
C ASN B 402 26.72 0.28 -25.01
N PHE B 403 25.53 -0.03 -24.50
CA PHE B 403 25.18 0.37 -23.14
C PHE B 403 26.02 -0.40 -22.13
N ARG B 404 26.66 0.33 -21.22
CA ARG B 404 27.60 -0.23 -20.27
C ARG B 404 27.33 0.29 -18.88
N ILE B 405 27.57 -0.56 -17.88
CA ILE B 405 27.42 -0.23 -16.48
C ILE B 405 28.78 -0.34 -15.82
N TYR B 406 29.07 0.58 -14.89
CA TYR B 406 30.37 0.64 -14.25
C TYR B 406 30.22 0.61 -12.74
N ASP B 407 30.93 -0.30 -12.07
CA ASP B 407 31.04 -0.29 -10.63
C ASP B 407 32.19 0.60 -10.21
N GLU B 408 31.95 1.42 -9.17
CA GLU B 408 32.94 2.41 -8.77
C GLU B 408 34.16 1.79 -8.08
N GLY B 409 34.13 0.49 -7.81
CA GLY B 409 35.30 -0.16 -7.21
C GLY B 409 35.68 0.39 -5.84
N ARG B 410 34.70 0.65 -5.00
CA ARG B 410 34.95 1.11 -3.64
C ARG B 410 34.79 -0.06 -2.68
N VAL B 411 34.92 0.22 -1.37
CA VAL B 411 34.99 -0.85 -0.39
C VAL B 411 33.78 -1.77 -0.51
N SER B 412 34.02 -3.07 -0.39
CA SER B 412 33.00 -4.10 -0.51
C SER B 412 32.97 -4.93 0.76
N HIS B 413 31.79 -5.05 1.35
CA HIS B 413 31.58 -5.83 2.57
C HIS B 413 30.73 -7.06 2.35
N GLN B 414 30.34 -7.35 1.11
CA GLN B 414 29.32 -8.36 0.88
C GLN B 414 29.48 -8.92 -0.52
N VAL B 415 28.70 -9.98 -0.79
CA VAL B 415 28.63 -10.60 -2.09
C VAL B 415 27.29 -10.24 -2.72
N SER B 416 27.35 -9.57 -3.87
CA SER B 416 26.15 -9.30 -4.67
C SER B 416 26.24 -10.09 -5.97
N MET B 417 25.18 -10.82 -6.27
CA MET B 417 25.12 -11.70 -7.44
C MET B 417 23.93 -11.32 -8.31
N TRP B 418 24.22 -10.94 -9.56
CA TRP B 418 23.20 -10.63 -10.55
C TRP B 418 23.16 -11.73 -11.60
N VAL B 419 22.04 -12.43 -11.71
CA VAL B 419 21.78 -13.34 -12.82
C VAL B 419 20.90 -12.59 -13.82
N ASN B 420 21.37 -12.49 -15.06
CA ASN B 420 20.72 -11.68 -16.11
C ASN B 420 20.37 -12.58 -17.29
N ARG B 421 19.10 -12.64 -17.64
CA ARG B 421 18.67 -13.29 -18.87
C ARG B 421 18.53 -12.24 -19.97
N TYR B 422 19.17 -12.50 -21.10
CA TYR B 422 19.03 -11.66 -22.28
C TYR B 422 18.37 -12.49 -23.39
N GLN B 423 18.08 -11.82 -24.50
CA GLN B 423 17.42 -12.51 -25.61
C GLN B 423 18.24 -13.71 -26.07
N HIS B 424 19.57 -13.59 -26.06
CA HIS B 424 20.45 -14.58 -26.66
C HIS B 424 21.37 -15.30 -25.67
N GLN B 425 21.40 -14.91 -24.41
CA GLN B 425 22.23 -15.63 -23.44
C GLN B 425 21.75 -15.31 -22.03
N THR B 426 22.27 -16.11 -21.08
CA THR B 426 22.07 -15.90 -19.66
C THR B 426 23.43 -15.85 -19.00
N THR B 427 23.71 -14.75 -18.29
CA THR B 427 24.99 -14.48 -17.66
C THR B 427 24.81 -14.28 -16.16
N VAL B 428 25.93 -14.32 -15.46
CA VAL B 428 26.01 -14.03 -14.03
C VAL B 428 27.18 -13.08 -13.77
N THR B 429 26.96 -12.11 -12.89
CA THR B 429 27.98 -11.16 -12.46
C THR B 429 28.00 -11.14 -10.93
N VAL B 430 29.18 -11.12 -10.38
CA VAL B 430 29.36 -11.06 -8.97
C VAL B 430 30.33 -10.01 -8.47
N LEU B 431 29.89 -9.20 -7.52
CA LEU B 431 30.74 -8.22 -6.84
C LEU B 431 31.03 -8.71 -5.44
N PHE B 432 32.30 -8.65 -5.03
CA PHE B 432 32.71 -9.24 -3.76
C PHE B 432 34.01 -8.60 -3.32
N PRO B 433 34.39 -8.78 -2.05
CA PRO B 433 35.64 -8.18 -1.56
C PRO B 433 36.85 -8.76 -2.27
N ASP B 434 37.80 -7.87 -2.59
CA ASP B 434 38.97 -8.21 -3.41
C ASP B 434 40.07 -8.76 -2.52
N ASN B 435 40.02 -10.08 -2.27
CA ASN B 435 41.12 -10.80 -1.67
C ASN B 435 41.09 -12.24 -2.18
N PRO B 436 42.22 -12.94 -2.13
CA PRO B 436 42.30 -14.27 -2.77
C PRO B 436 41.28 -15.28 -2.26
N ILE B 437 41.03 -15.20 -0.97
CA ILE B 437 40.10 -16.16 -0.34
C ILE B 437 38.65 -16.06 -0.94
N ALA B 438 38.13 -14.84 -0.96
CA ALA B 438 36.83 -14.59 -1.56
C ALA B 438 36.82 -14.93 -3.04
N SER B 439 37.92 -14.60 -3.74
CA SER B 439 37.99 -14.87 -5.17
C SER B 439 37.86 -16.36 -5.46
N GLU B 440 38.55 -17.19 -4.68
CA GLU B 440 38.44 -18.64 -4.90
C GLU B 440 37.04 -19.13 -4.58
N SER B 441 36.50 -18.74 -3.42
CA SER B 441 35.15 -19.17 -3.06
C SER B 441 34.16 -18.83 -4.18
N VAL B 442 34.17 -17.58 -4.59
CA VAL B 442 33.20 -17.14 -5.62
C VAL B 442 33.39 -17.89 -6.93
N ALA B 443 34.63 -18.05 -7.34
CA ALA B 443 34.90 -18.76 -8.59
C ALA B 443 34.31 -20.17 -8.55
N ASN B 444 34.57 -20.92 -7.47
CA ASN B 444 34.04 -22.28 -7.37
C ASN B 444 32.51 -22.27 -7.40
N TYR B 445 31.90 -21.33 -6.65
CA TYR B 445 30.45 -21.27 -6.62
C TYR B 445 29.88 -21.05 -8.02
N ILE B 446 30.51 -20.19 -8.77
CA ILE B 446 30.03 -19.94 -10.10
C ILE B 446 30.15 -21.17 -10.99
N ALA B 447 31.29 -21.85 -10.89
CA ALA B 447 31.47 -23.06 -11.69
C ALA B 447 30.36 -24.08 -11.41
N ALA B 448 30.12 -24.33 -10.15
CA ALA B 448 29.07 -25.32 -9.80
C ALA B 448 27.69 -24.87 -10.35
N MET B 449 27.40 -23.60 -10.14
CA MET B 449 26.11 -23.10 -10.59
C MET B 449 25.94 -23.28 -12.09
N LYS B 450 26.99 -22.94 -12.85
CA LYS B 450 26.87 -23.06 -14.32
C LYS B 450 26.67 -24.53 -14.71
N SER B 451 27.46 -25.39 -14.10
CA SER B 451 27.30 -26.80 -14.42
C SER B 451 25.86 -27.26 -14.21
N ILE B 452 25.22 -26.77 -13.15
CA ILE B 452 23.84 -27.19 -12.90
C ILE B 452 22.91 -26.61 -13.95
N TYR B 453 23.11 -25.33 -14.32
CA TYR B 453 22.34 -24.75 -15.42
C TYR B 453 22.43 -25.63 -16.66
N ILE B 454 23.63 -26.05 -16.99
CA ILE B 454 23.83 -26.85 -18.22
C ILE B 454 23.10 -28.22 -18.11
N ARG B 455 23.27 -28.84 -16.96
CA ARG B 455 22.55 -30.10 -16.74
C ARG B 455 21.06 -29.93 -16.98
N THR B 456 20.47 -28.93 -16.38
CA THR B 456 19.03 -28.76 -16.51
C THR B 456 18.59 -28.43 -17.94
N ALA B 457 19.37 -27.58 -18.60
CA ALA B 457 18.98 -27.20 -19.98
C ALA B 457 19.04 -28.38 -20.97
N ASP B 458 20.07 -29.19 -20.81
CA ASP B 458 20.28 -30.26 -21.77
C ASP B 458 20.03 -31.62 -21.13
N GLY B 459 21.08 -32.44 -20.97
CA GLY B 459 20.93 -33.77 -20.42
C GLY B 459 21.45 -33.87 -19.00
#